data_3C4V
#
_entry.id   3C4V
#
_cell.length_a   223.940
_cell.length_b   223.940
_cell.length_c   125.005
_cell.angle_alpha   90.00
_cell.angle_beta   90.00
_cell.angle_gamma   90.00
#
_symmetry.space_group_name_H-M   'I 4 2 2'
#
loop_
_entity.id
_entity.type
_entity.pdbx_description
1 polymer 'Predicted glycosyltransferases'
2 non-polymer 'MAGNESIUM ION'
3 non-polymer "URIDINE-5'-DIPHOSPHATE"
4 non-polymer L-MYO-INOSITOL-1-PHOSPHATE
5 water water
#
_entity_poly.entity_id   1
_entity_poly.type   'polypeptide(L)'
_entity_poly.pdbx_seq_one_letter_code
;MRVAMISMHTSPLQQPGTGDSGGMNVYILSTATELAKQGIEVDIYTRATRPSQGEIVRVAENLRVINIAAGPYEGLSKEE
LPTQLAAFTGGMLSFTRREKVTYDLIHSHYWLSGQVGWLLRDLWRIPLIHTAHTLAAVKNSYRDDSDTPESEARRICEQQ
LVDNADVLAVNTQEEMQDLMHHYDADPDRISVVSPGADVELYSPGNDRATERSRRELGIPLHTKVVAFVGRLQPFKGPQV
LIKAVAALFDRDPDRNLRVIICGGPSGPNATPDTYRHMAEELGVEKRIRFLDPRPPSELVAVYRAADIVAVPSFNESFGL
VAMEAQASGTPVIAARVGGLPIAVAEGETGLLVDGHSPHAWADALATLLDDDETRIRMGEDAVEHARTFSWAATAAQLSS
LYNDAIANENVDGETHHGLEHHHHHH
;
_entity_poly.pdbx_strand_id   A,B
#
# COMPACT_ATOMS: atom_id res chain seq x y z
N MET A 1 -13.91 -13.70 30.36
CA MET A 1 -14.15 -14.44 29.10
C MET A 1 -13.04 -14.17 28.07
N ARG A 2 -12.49 -15.23 27.50
CA ARG A 2 -11.53 -15.07 26.42
C ARG A 2 -12.06 -15.76 25.15
N VAL A 3 -12.10 -15.00 24.07
CA VAL A 3 -12.67 -15.47 22.81
C VAL A 3 -11.56 -15.56 21.80
N ALA A 4 -11.50 -16.68 21.09
CA ALA A 4 -10.63 -16.80 19.94
C ALA A 4 -11.45 -16.57 18.69
N MET A 5 -11.20 -15.45 18.03
CA MET A 5 -11.76 -15.20 16.72
C MET A 5 -10.81 -15.76 15.69
N ILE A 6 -11.36 -16.46 14.71
CA ILE A 6 -10.56 -16.97 13.60
C ILE A 6 -10.88 -16.22 12.29
N SER A 7 -9.88 -15.57 11.73
CA SER A 7 -10.02 -14.97 10.40
C SER A 7 -8.83 -15.40 9.54
N MET A 8 -8.89 -16.64 9.04
CA MET A 8 -7.71 -17.28 8.45
C MET A 8 -7.11 -16.57 7.23
N HIS A 9 -7.90 -16.34 6.20
CA HIS A 9 -7.35 -15.96 4.88
C HIS A 9 -7.09 -14.47 4.68
N THR A 10 -7.48 -13.65 5.65
CA THR A 10 -7.33 -12.20 5.56
C THR A 10 -7.30 -11.66 6.99
N SER A 11 -6.52 -10.62 7.21
CA SER A 11 -6.18 -10.17 8.54
C SER A 11 -6.91 -8.90 8.82
N PRO A 12 -7.33 -8.70 10.09
CA PRO A 12 -8.04 -7.47 10.45
C PRO A 12 -7.17 -6.23 10.35
N LEU A 13 -5.86 -6.44 10.21
CA LEU A 13 -4.88 -5.38 10.11
C LEU A 13 -4.59 -4.99 8.66
N GLN A 14 -5.05 -5.77 7.70
CA GLN A 14 -4.92 -5.43 6.27
C GLN A 14 -5.90 -4.32 5.89
N GLN A 15 -5.37 -3.27 5.27
CA GLN A 15 -6.14 -2.18 4.69
C GLN A 15 -7.33 -2.70 3.85
N PRO A 16 -8.59 -2.45 4.32
CA PRO A 16 -9.85 -2.75 3.58
C PRO A 16 -9.76 -2.06 2.20
N GLY A 17 -9.87 -2.87 1.13
CA GLY A 17 -10.97 -2.86 0.09
C GLY A 17 -9.96 -2.24 -0.99
N THR A 18 -8.66 -2.67 -0.94
CA THR A 18 -8.09 -3.80 -1.73
C THR A 18 -7.95 -5.24 -1.32
N GLY A 19 -7.59 -6.04 -2.35
CA GLY A 19 -7.11 -7.40 -2.20
C GLY A 19 -8.22 -8.28 -1.68
N ASP A 20 -7.87 -9.08 -0.68
CA ASP A 20 -8.88 -9.90 -0.01
C ASP A 20 -9.52 -9.19 1.21
N SER A 21 -9.18 -7.93 1.43
CA SER A 21 -9.63 -7.22 2.61
C SER A 21 -10.81 -6.28 2.30
N GLY A 22 -11.91 -6.46 3.03
CA GLY A 22 -13.07 -5.61 2.83
C GLY A 22 -13.89 -5.51 4.09
N GLY A 23 -15.23 -5.48 3.93
CA GLY A 23 -16.14 -5.24 5.03
C GLY A 23 -16.03 -6.27 6.14
N MET A 24 -15.64 -7.50 5.79
CA MET A 24 -15.51 -8.54 6.80
C MET A 24 -14.37 -8.21 7.75
N ASN A 25 -13.28 -7.66 7.21
CA ASN A 25 -12.16 -7.26 8.05
C ASN A 25 -12.57 -6.17 9.00
N VAL A 26 -13.23 -5.15 8.48
CA VAL A 26 -13.64 -4.08 9.39
C VAL A 26 -14.73 -4.57 10.38
N TYR A 27 -15.55 -5.52 9.94
CA TYR A 27 -16.49 -6.16 10.85
C TYR A 27 -15.77 -6.85 12.01
N ILE A 28 -14.82 -7.72 11.68
CA ILE A 28 -14.01 -8.41 12.67
C ILE A 28 -13.26 -7.44 13.61
N LEU A 29 -12.57 -6.45 13.05
CA LEU A 29 -11.80 -5.56 13.88
C LEU A 29 -12.71 -4.69 14.75
N SER A 30 -13.75 -4.09 14.16
CA SER A 30 -14.66 -3.20 14.88
C SER A 30 -15.37 -3.90 16.03
N THR A 31 -15.91 -5.10 15.79
CA THR A 31 -16.62 -5.80 16.87
C THR A 31 -15.64 -6.16 17.97
N ALA A 32 -14.48 -6.69 17.58
CA ALA A 32 -13.47 -7.14 18.51
C ALA A 32 -13.02 -6.01 19.43
N THR A 33 -12.77 -4.84 18.86
CA THR A 33 -12.43 -3.64 19.59
C THR A 33 -13.52 -3.31 20.62
N GLU A 34 -14.78 -3.35 20.20
CA GLU A 34 -15.88 -3.03 21.12
C GLU A 34 -15.99 -4.07 22.24
N LEU A 35 -15.79 -5.34 21.87
CA LEU A 35 -15.83 -6.42 22.85
C LEU A 35 -14.73 -6.23 23.86
N ALA A 36 -13.57 -5.76 23.38
CA ALA A 36 -12.45 -5.57 24.26
C ALA A 36 -12.69 -4.40 25.22
N LYS A 37 -13.39 -3.35 24.77
CA LYS A 37 -13.77 -2.23 25.66
C LYS A 37 -14.66 -2.69 26.80
N GLN A 38 -15.50 -3.67 26.50
CA GLN A 38 -16.45 -4.26 27.44
C GLN A 38 -15.81 -5.31 28.35
N GLY A 39 -14.48 -5.41 28.30
CA GLY A 39 -13.73 -6.32 29.17
C GLY A 39 -13.71 -7.77 28.72
N ILE A 40 -14.21 -8.03 27.52
CA ILE A 40 -14.06 -9.36 26.91
C ILE A 40 -12.68 -9.48 26.20
N GLU A 41 -11.90 -10.50 26.54
CA GLU A 41 -10.59 -10.66 25.90
C GLU A 41 -10.71 -11.36 24.57
N VAL A 42 -10.21 -10.72 23.52
CA VAL A 42 -10.28 -11.28 22.18
C VAL A 42 -8.88 -11.43 21.58
N ASP A 43 -8.59 -12.63 21.07
CA ASP A 43 -7.44 -12.84 20.19
C ASP A 43 -7.99 -13.18 18.82
N ILE A 44 -7.61 -12.40 17.79
CA ILE A 44 -7.98 -12.73 16.41
C ILE A 44 -6.86 -13.47 15.69
N TYR A 45 -7.13 -14.73 15.33
CA TYR A 45 -6.12 -15.56 14.66
C TYR A 45 -6.14 -15.34 13.15
N THR A 46 -4.98 -15.07 12.57
CA THR A 46 -4.92 -14.97 11.13
C THR A 46 -3.62 -15.56 10.60
N ARG A 47 -3.62 -15.85 9.31
CA ARG A 47 -2.45 -16.37 8.64
C ARG A 47 -1.37 -15.29 8.50
N ALA A 48 -0.14 -15.62 8.88
CA ALA A 48 0.97 -14.65 8.82
C ALA A 48 1.35 -14.33 7.37
N THR A 49 1.41 -13.05 7.05
CA THR A 49 1.69 -12.61 5.67
C THR A 49 2.70 -11.49 5.64
N ARG A 50 2.80 -10.73 6.72
CA ARG A 50 3.76 -9.62 6.80
C ARG A 50 4.59 -9.78 8.09
N PRO A 51 5.76 -10.46 7.99
CA PRO A 51 6.63 -10.82 9.12
C PRO A 51 7.15 -9.66 9.95
N SER A 52 7.28 -8.48 9.35
CA SER A 52 7.65 -7.29 10.10
C SER A 52 6.66 -7.01 11.25
N GLN A 53 5.46 -7.60 11.20
CA GLN A 53 4.43 -7.46 12.25
C GLN A 53 4.67 -8.30 13.49
N GLY A 54 5.51 -9.33 13.40
CA GLY A 54 5.72 -10.25 14.51
C GLY A 54 4.55 -11.22 14.69
N GLU A 55 4.65 -12.08 15.71
CA GLU A 55 3.65 -13.11 15.93
C GLU A 55 2.41 -12.53 16.64
N ILE A 56 2.63 -11.71 17.66
CA ILE A 56 1.55 -11.15 18.46
C ILE A 56 1.53 -9.65 18.31
N VAL A 57 0.44 -9.13 17.77
CA VAL A 57 0.26 -7.69 17.67
C VAL A 57 -0.73 -7.28 18.75
N ARG A 58 -0.30 -6.37 19.62
CA ARG A 58 -1.13 -5.83 20.68
C ARG A 58 -1.86 -4.61 20.11
N VAL A 59 -3.15 -4.75 19.82
CA VAL A 59 -3.94 -3.67 19.21
C VAL A 59 -4.48 -2.68 20.25
N ALA A 60 -5.07 -3.20 21.31
CA ALA A 60 -5.58 -2.38 22.42
C ALA A 60 -5.61 -3.28 23.63
N GLU A 61 -5.98 -2.75 24.80
CA GLU A 61 -6.12 -3.58 25.98
C GLU A 61 -7.15 -4.65 25.67
N ASN A 62 -6.85 -5.89 26.02
CA ASN A 62 -7.75 -7.02 25.80
C ASN A 62 -7.91 -7.45 24.35
N LEU A 63 -7.21 -6.79 23.42
CA LEU A 63 -7.27 -7.15 22.00
C LEU A 63 -5.90 -7.43 21.38
N ARG A 64 -5.72 -8.65 20.85
CA ARG A 64 -4.50 -9.05 20.15
C ARG A 64 -4.87 -9.69 18.82
N VAL A 65 -4.01 -9.52 17.81
CA VAL A 65 -4.09 -10.28 16.59
C VAL A 65 -2.90 -11.25 16.65
N ILE A 66 -3.14 -12.51 16.32
CA ILE A 66 -2.08 -13.51 16.34
C ILE A 66 -1.79 -13.97 14.91
N ASN A 67 -0.59 -13.69 14.46
CA ASN A 67 -0.16 -14.04 13.11
C ASN A 67 0.41 -15.42 13.12
N ILE A 68 -0.31 -16.40 12.58
CA ILE A 68 0.11 -17.81 12.59
C ILE A 68 0.77 -18.17 11.25
N ALA A 69 2.00 -18.66 11.31
CA ALA A 69 2.72 -19.09 10.11
C ALA A 69 2.16 -20.39 9.56
N ALA A 70 1.78 -20.36 8.29
CA ALA A 70 1.20 -21.53 7.67
C ALA A 70 1.37 -21.32 6.17
N GLY A 71 2.45 -21.89 5.61
CA GLY A 71 2.74 -21.67 4.21
C GLY A 71 3.42 -20.32 4.08
N PRO A 72 3.86 -19.97 2.86
CA PRO A 72 4.68 -18.79 2.63
C PRO A 72 3.90 -17.50 2.87
N TYR A 73 4.64 -16.45 3.23
CA TYR A 73 4.08 -15.13 3.44
C TYR A 73 3.43 -14.65 2.17
N GLU A 74 3.91 -15.12 1.04
CA GLU A 74 3.15 -14.94 -0.19
C GLU A 74 3.34 -15.96 -1.29
N GLY A 75 2.41 -15.86 -2.25
CA GLY A 75 2.35 -16.72 -3.42
C GLY A 75 1.23 -17.73 -3.30
N LEU A 76 0.36 -17.52 -2.31
CA LEU A 76 -0.73 -18.43 -2.04
C LEU A 76 -2.01 -17.60 -2.02
N SER A 77 -2.78 -17.71 -3.09
CA SER A 77 -4.05 -16.99 -3.21
C SER A 77 -5.12 -17.65 -2.35
N LYS A 78 -6.22 -16.93 -2.14
CA LYS A 78 -7.35 -17.42 -1.35
C LYS A 78 -7.86 -18.79 -1.83
N GLU A 79 -7.94 -18.98 -3.15
CA GLU A 79 -8.37 -20.26 -3.72
C GLU A 79 -7.49 -21.46 -3.33
N GLU A 80 -6.21 -21.24 -3.04
CA GLU A 80 -5.32 -22.36 -2.68
C GLU A 80 -5.20 -22.54 -1.17
N LEU A 81 -5.69 -21.57 -0.39
CA LEU A 81 -5.58 -21.66 1.07
C LEU A 81 -6.22 -22.87 1.73
N PRO A 82 -7.25 -23.51 1.12
CA PRO A 82 -7.68 -24.78 1.73
C PRO A 82 -6.51 -25.75 2.03
N THR A 83 -5.49 -25.75 1.16
CA THR A 83 -4.29 -26.61 1.36
C THR A 83 -3.56 -26.32 2.68
N GLN A 84 -3.77 -25.11 3.22
CA GLN A 84 -3.17 -24.75 4.50
C GLN A 84 -4.04 -25.00 5.73
N LEU A 85 -5.26 -25.52 5.54
CA LEU A 85 -6.21 -25.70 6.66
C LEU A 85 -5.65 -26.47 7.86
N ALA A 86 -4.92 -27.56 7.61
CA ALA A 86 -4.39 -28.35 8.72
C ALA A 86 -3.16 -27.68 9.33
N ALA A 87 -2.34 -27.04 8.50
CA ALA A 87 -1.14 -26.33 8.97
C ALA A 87 -1.56 -25.15 9.81
N PHE A 88 -2.55 -24.39 9.33
CA PHE A 88 -3.04 -23.26 10.12
C PHE A 88 -3.61 -23.74 11.47
N THR A 89 -4.38 -24.82 11.45
CA THR A 89 -4.92 -25.35 12.71
C THR A 89 -3.78 -25.78 13.63
N GLY A 90 -2.85 -26.57 13.09
CA GLY A 90 -1.66 -26.98 13.83
C GLY A 90 -0.90 -25.77 14.35
N GLY A 91 -0.78 -24.75 13.52
CA GLY A 91 -0.18 -23.50 13.95
C GLY A 91 -0.88 -22.91 15.17
N MET A 92 -2.23 -22.84 15.15
CA MET A 92 -2.99 -22.35 16.33
C MET A 92 -2.77 -23.26 17.54
N LEU A 93 -2.80 -24.59 17.33
CA LEU A 93 -2.52 -25.52 18.43
C LEU A 93 -1.18 -25.24 19.08
N SER A 94 -0.09 -25.07 18.32
CA SER A 94 1.20 -24.85 18.97
C SER A 94 1.21 -23.53 19.70
N PHE A 95 0.69 -22.49 19.07
CA PHE A 95 0.73 -21.19 19.70
C PHE A 95 0.09 -21.26 21.07
N THR A 96 -1.08 -21.90 21.17
CA THR A 96 -1.81 -21.92 22.45
C THR A 96 -1.14 -22.80 23.48
N ARG A 97 -0.37 -23.78 23.02
CA ARG A 97 0.34 -24.67 23.90
C ARG A 97 1.53 -23.92 24.50
N ARG A 98 2.30 -23.30 23.62
CA ARG A 98 3.39 -22.41 23.97
C ARG A 98 3.01 -21.30 24.95
N GLU A 99 1.90 -20.62 24.66
CA GLU A 99 1.49 -19.46 25.45
C GLU A 99 0.63 -19.84 26.66
N LYS A 100 0.20 -21.11 26.71
CA LYS A 100 -0.61 -21.65 27.80
C LYS A 100 -1.90 -20.86 27.92
N VAL A 101 -2.49 -20.57 26.77
CA VAL A 101 -3.68 -19.75 26.70
C VAL A 101 -4.91 -20.62 26.41
N THR A 102 -6.01 -20.28 27.07
CA THR A 102 -7.22 -21.09 27.06
C THR A 102 -8.40 -20.21 26.69
N TYR A 103 -9.26 -20.71 25.80
CA TYR A 103 -10.43 -19.94 25.34
C TYR A 103 -11.74 -20.48 25.88
N ASP A 104 -12.68 -19.57 26.14
CA ASP A 104 -14.03 -19.96 26.55
C ASP A 104 -14.93 -20.27 25.38
N LEU A 105 -14.57 -19.71 24.22
CA LEU A 105 -15.42 -19.73 23.05
C LEU A 105 -14.60 -19.38 21.80
N ILE A 106 -15.04 -19.89 20.63
CA ILE A 106 -14.45 -19.55 19.33
C ILE A 106 -15.51 -18.90 18.46
N HIS A 107 -15.14 -17.82 17.77
CA HIS A 107 -16.05 -17.20 16.81
C HIS A 107 -15.32 -17.16 15.48
N SER A 108 -15.74 -18.01 14.54
CA SER A 108 -15.05 -18.13 13.28
C SER A 108 -15.66 -17.26 12.21
N HIS A 109 -14.82 -16.78 11.29
CA HIS A 109 -15.29 -15.95 10.18
C HIS A 109 -14.92 -16.51 8.83
N TYR A 110 -15.94 -16.82 8.02
CA TYR A 110 -15.78 -17.32 6.65
C TYR A 110 -15.53 -18.84 6.71
N TRP A 111 -15.87 -19.56 5.63
CA TRP A 111 -15.89 -21.01 5.70
C TRP A 111 -14.52 -21.64 6.06
N LEU A 112 -13.41 -21.05 5.56
CA LEU A 112 -12.10 -21.54 5.91
C LEU A 112 -11.94 -21.52 7.42
N SER A 113 -12.18 -20.36 8.02
CA SER A 113 -11.99 -20.22 9.46
C SER A 113 -12.92 -21.13 10.24
N GLY A 114 -14.13 -21.36 9.71
CA GLY A 114 -15.08 -22.25 10.35
C GLY A 114 -14.62 -23.70 10.41
N GLN A 115 -14.06 -24.18 9.31
CA GLN A 115 -13.47 -25.53 9.29
C GLN A 115 -12.38 -25.67 10.37
N VAL A 116 -11.57 -24.64 10.55
CA VAL A 116 -10.58 -24.63 11.63
C VAL A 116 -11.28 -24.63 12.99
N GLY A 117 -12.25 -23.72 13.14
CA GLY A 117 -13.08 -23.61 14.34
C GLY A 117 -13.79 -24.90 14.72
N TRP A 118 -14.33 -25.60 13.73
CA TRP A 118 -15.05 -26.85 13.99
C TRP A 118 -14.13 -27.91 14.64
N LEU A 119 -12.92 -28.09 14.09
CA LEU A 119 -11.95 -28.99 14.70
C LEU A 119 -11.53 -28.52 16.11
N LEU A 120 -11.22 -27.22 16.25
CA LEU A 120 -10.80 -26.71 17.55
C LEU A 120 -11.86 -26.86 18.61
N ARG A 121 -13.12 -26.61 18.25
CA ARG A 121 -14.17 -26.62 19.23
C ARG A 121 -14.37 -28.03 19.81
N ASP A 122 -14.23 -29.09 18.99
CA ASP A 122 -14.36 -30.45 19.52
C ASP A 122 -13.17 -30.78 20.37
N LEU A 123 -12.01 -30.25 19.99
CA LEU A 123 -10.80 -30.58 20.73
C LEU A 123 -10.86 -29.89 22.08
N TRP A 124 -11.14 -28.60 22.05
CA TRP A 124 -11.12 -27.81 23.26
C TRP A 124 -12.41 -27.96 24.07
N ARG A 125 -13.43 -28.60 23.48
CA ARG A 125 -14.75 -28.77 24.15
C ARG A 125 -15.35 -27.44 24.58
N ILE A 126 -15.48 -26.52 23.63
CA ILE A 126 -16.04 -25.18 23.85
C ILE A 126 -16.95 -24.82 22.65
N PRO A 127 -17.83 -23.84 22.78
CA PRO A 127 -18.73 -23.60 21.66
C PRO A 127 -18.10 -22.85 20.50
N LEU A 128 -18.57 -23.17 19.29
CA LEU A 128 -18.19 -22.43 18.08
C LEU A 128 -19.35 -21.56 17.57
N ILE A 129 -19.11 -20.25 17.49
CA ILE A 129 -20.00 -19.30 16.85
C ILE A 129 -19.42 -19.07 15.46
N HIS A 130 -20.22 -19.25 14.42
CA HIS A 130 -19.71 -19.07 13.06
C HIS A 130 -20.48 -18.02 12.26
N THR A 131 -19.74 -17.12 11.63
CA THR A 131 -20.30 -16.13 10.71
C THR A 131 -19.74 -16.38 9.32
N ALA A 132 -20.65 -16.68 8.39
CA ALA A 132 -20.33 -17.01 7.01
C ALA A 132 -19.82 -15.80 6.22
N HIS A 133 -20.43 -14.64 6.46
CA HIS A 133 -20.22 -13.41 5.68
C HIS A 133 -20.72 -13.52 4.24
N THR A 134 -20.23 -14.49 3.46
CA THR A 134 -20.79 -14.76 2.13
C THR A 134 -20.84 -16.26 1.94
N LEU A 135 -21.62 -16.71 0.95
CA LEU A 135 -21.88 -18.15 0.79
C LEU A 135 -21.88 -18.57 -0.66
N ALA A 136 -21.28 -19.72 -0.95
CA ALA A 136 -21.28 -20.25 -2.31
C ALA A 136 -22.69 -20.31 -2.88
N ALA A 137 -23.62 -20.92 -2.15
CA ALA A 137 -24.98 -21.13 -2.67
C ALA A 137 -25.82 -19.83 -2.88
N VAL A 138 -25.30 -18.69 -2.44
CA VAL A 138 -25.94 -17.37 -2.65
C VAL A 138 -25.00 -16.45 -3.44
N ASP A 147 -20.70 -22.16 -10.07
CA ASP A 147 -21.08 -23.54 -10.40
C ASP A 147 -19.89 -24.39 -10.90
N THR A 148 -18.81 -24.38 -10.12
CA THR A 148 -17.57 -25.08 -10.44
C THR A 148 -17.30 -26.07 -9.30
N PRO A 149 -16.38 -27.05 -9.52
CA PRO A 149 -16.02 -27.96 -8.43
C PRO A 149 -15.55 -27.22 -7.16
N GLU A 150 -14.83 -26.12 -7.34
CA GLU A 150 -14.34 -25.31 -6.22
C GLU A 150 -15.48 -24.66 -5.46
N SER A 151 -16.47 -24.11 -6.15
CA SER A 151 -17.61 -23.57 -5.43
C SER A 151 -18.44 -24.71 -4.83
N GLU A 152 -18.62 -25.80 -5.56
CA GLU A 152 -19.24 -26.97 -4.94
C GLU A 152 -18.54 -27.43 -3.66
N ALA A 153 -17.21 -27.41 -3.63
CA ALA A 153 -16.46 -27.85 -2.44
C ALA A 153 -16.65 -26.87 -1.29
N ARG A 154 -16.67 -25.58 -1.60
CA ARG A 154 -16.90 -24.59 -0.59
C ARG A 154 -18.33 -24.71 -0.01
N ARG A 155 -19.32 -24.85 -0.87
CA ARG A 155 -20.71 -25.06 -0.47
C ARG A 155 -20.81 -26.23 0.52
N ILE A 156 -20.15 -27.34 0.18
CA ILE A 156 -20.13 -28.54 1.02
C ILE A 156 -19.55 -28.21 2.40
N CYS A 157 -18.50 -27.41 2.44
CA CYS A 157 -17.91 -26.99 3.72
C CYS A 157 -18.84 -26.06 4.46
N GLU A 158 -19.50 -25.21 3.72
CA GLU A 158 -20.43 -24.29 4.32
C GLU A 158 -21.61 -25.05 4.90
N GLN A 159 -22.02 -26.10 4.21
CA GLN A 159 -23.06 -27.01 4.68
C GLN A 159 -22.63 -27.72 5.96
N GLN A 160 -21.35 -28.07 6.06
CA GLN A 160 -20.86 -28.76 7.27
C GLN A 160 -20.93 -27.85 8.49
N LEU A 161 -20.59 -26.58 8.31
CA LEU A 161 -20.61 -25.65 9.43
C LEU A 161 -22.04 -25.34 9.87
N VAL A 162 -22.95 -25.23 8.91
CA VAL A 162 -24.37 -25.03 9.20
C VAL A 162 -24.83 -26.16 10.14
N ASP A 163 -24.38 -27.38 9.84
CA ASP A 163 -24.80 -28.58 10.57
C ASP A 163 -24.10 -28.80 11.89
N ASN A 164 -23.00 -28.08 12.12
CA ASN A 164 -22.14 -28.37 13.27
C ASN A 164 -21.87 -27.16 14.14
N ALA A 165 -21.82 -25.95 13.59
CA ALA A 165 -21.61 -24.80 14.49
C ALA A 165 -22.66 -24.77 15.62
N ASP A 166 -22.29 -24.21 16.77
CA ASP A 166 -23.24 -24.14 17.87
C ASP A 166 -24.19 -22.99 17.65
N VAL A 167 -23.68 -21.89 17.12
CA VAL A 167 -24.52 -20.79 16.72
C VAL A 167 -24.05 -20.29 15.36
N LEU A 168 -25.00 -20.15 14.45
CA LEU A 168 -24.79 -19.50 13.18
C LEU A 168 -25.16 -18.02 13.32
N ALA A 169 -24.16 -17.14 13.38
CA ALA A 169 -24.43 -15.72 13.47
C ALA A 169 -24.51 -15.12 12.07
N VAL A 170 -25.67 -14.57 11.75
CA VAL A 170 -25.89 -13.92 10.45
C VAL A 170 -26.07 -12.42 10.65
N ASN A 171 -26.04 -11.67 9.55
CA ASN A 171 -26.02 -10.20 9.64
C ASN A 171 -27.32 -9.51 9.32
N THR A 172 -28.27 -10.26 8.77
CA THR A 172 -29.62 -9.78 8.47
C THR A 172 -30.53 -10.99 8.51
N GLN A 173 -31.83 -10.71 8.51
CA GLN A 173 -32.87 -11.72 8.48
C GLN A 173 -32.90 -12.43 7.12
N GLU A 174 -32.52 -11.70 6.08
CA GLU A 174 -32.47 -12.25 4.74
C GLU A 174 -31.41 -13.37 4.65
N GLU A 175 -30.28 -13.21 5.35
CA GLU A 175 -29.25 -14.24 5.44
C GLU A 175 -29.72 -15.46 6.20
N MET A 176 -30.53 -15.23 7.22
CA MET A 176 -31.15 -16.31 7.97
C MET A 176 -32.02 -17.14 7.04
N GLN A 177 -32.84 -16.48 6.22
CA GLN A 177 -33.70 -17.21 5.28
C GLN A 177 -32.81 -17.96 4.28
N ASP A 178 -31.74 -17.29 3.83
CA ASP A 178 -30.76 -17.88 2.94
C ASP A 178 -30.19 -19.17 3.54
N LEU A 179 -29.76 -19.12 4.81
CA LEU A 179 -29.27 -20.31 5.52
C LEU A 179 -30.31 -21.43 5.57
N MET A 180 -31.55 -21.07 5.83
CA MET A 180 -32.64 -22.04 5.94
C MET A 180 -33.01 -22.65 4.62
N HIS A 181 -32.97 -21.86 3.54
CA HIS A 181 -33.38 -22.36 2.23
C HIS A 181 -32.27 -23.09 1.52
N HIS A 182 -31.08 -22.50 1.51
CA HIS A 182 -29.99 -23.05 0.70
C HIS A 182 -29.19 -24.10 1.43
N TYR A 183 -29.31 -24.14 2.76
CA TYR A 183 -28.48 -25.03 3.57
C TYR A 183 -29.28 -25.84 4.60
N ASP A 184 -30.60 -25.75 4.55
CA ASP A 184 -31.47 -26.53 5.45
C ASP A 184 -31.08 -26.30 6.91
N ALA A 185 -30.71 -25.07 7.24
CA ALA A 185 -30.28 -24.73 8.59
C ALA A 185 -31.40 -24.87 9.61
N ASP A 186 -31.01 -25.31 10.81
CA ASP A 186 -31.92 -25.32 11.93
C ASP A 186 -32.08 -23.87 12.41
N PRO A 187 -33.34 -23.35 12.35
CA PRO A 187 -33.61 -21.96 12.76
C PRO A 187 -33.27 -21.69 14.21
N ASP A 188 -33.31 -22.73 15.05
CA ASP A 188 -32.93 -22.57 16.46
C ASP A 188 -31.46 -22.22 16.69
N ARG A 189 -30.60 -22.53 15.72
CA ARG A 189 -29.15 -22.28 15.82
C ARG A 189 -28.77 -20.94 15.17
N ILE A 190 -29.73 -20.26 14.52
CA ILE A 190 -29.40 -19.02 13.83
C ILE A 190 -29.72 -17.82 14.69
N SER A 191 -28.80 -16.86 14.71
CA SER A 191 -29.04 -15.67 15.47
C SER A 191 -28.63 -14.47 14.65
N VAL A 192 -29.54 -13.51 14.53
CA VAL A 192 -29.28 -12.32 13.75
C VAL A 192 -28.51 -11.33 14.61
N VAL A 193 -27.37 -10.89 14.10
CA VAL A 193 -26.52 -9.96 14.82
C VAL A 193 -26.39 -8.78 13.86
N SER A 194 -27.05 -7.67 14.14
CA SER A 194 -27.02 -6.58 13.16
C SER A 194 -25.71 -5.85 13.22
N PRO A 195 -25.21 -5.43 12.05
CA PRO A 195 -23.84 -4.95 12.05
C PRO A 195 -23.83 -3.46 12.39
N GLY A 196 -22.65 -2.87 12.35
CA GLY A 196 -22.50 -1.50 12.77
C GLY A 196 -21.86 -0.71 11.66
N ALA A 197 -21.46 0.49 12.02
CA ALA A 197 -20.62 1.31 11.18
C ALA A 197 -20.08 2.33 12.15
N ASP A 198 -18.89 2.84 11.89
CA ASP A 198 -18.26 3.78 12.80
C ASP A 198 -18.82 5.16 12.50
N VAL A 199 -19.88 5.44 13.24
CA VAL A 199 -20.81 6.51 12.97
C VAL A 199 -20.29 7.84 13.51
N GLU A 200 -19.43 7.79 14.53
CA GLU A 200 -18.73 8.97 14.99
C GLU A 200 -17.67 9.44 14.01
N LEU A 201 -16.91 8.51 13.43
CA LEU A 201 -15.92 8.85 12.40
C LEU A 201 -16.57 9.28 11.08
N TYR A 202 -17.42 8.42 10.52
CA TYR A 202 -18.14 8.75 9.31
C TYR A 202 -19.35 9.61 9.73
N SER A 203 -19.26 10.91 9.51
CA SER A 203 -20.28 11.87 9.91
C SER A 203 -20.22 13.05 8.95
N PRO A 204 -21.30 13.84 8.82
CA PRO A 204 -21.43 14.97 7.88
C PRO A 204 -20.26 15.97 7.72
N GLY A 205 -19.55 16.42 8.76
CA GLY A 205 -20.08 16.77 10.06
C GLY A 205 -19.55 18.19 10.22
N ASN A 206 -20.42 19.19 10.15
CA ASN A 206 -20.03 20.62 10.07
C ASN A 206 -20.50 21.16 8.71
N ASP A 207 -20.92 22.42 8.71
CA ASP A 207 -21.57 23.05 7.55
C ASP A 207 -20.60 23.26 6.35
N ARG A 208 -19.31 23.40 6.66
CA ARG A 208 -18.29 23.63 5.64
C ARG A 208 -17.50 22.35 5.29
N ALA A 209 -17.88 21.23 5.91
CA ALA A 209 -17.11 19.98 5.85
C ALA A 209 -17.02 19.33 4.46
N THR A 210 -18.12 19.29 3.72
CA THR A 210 -18.10 18.79 2.35
C THR A 210 -17.07 19.55 1.52
N GLU A 211 -17.10 20.87 1.62
CA GLU A 211 -16.24 21.71 0.82
C GLU A 211 -14.78 21.68 1.29
N ARG A 212 -14.58 21.45 2.59
CA ARG A 212 -13.23 21.28 3.15
C ARG A 212 -12.61 20.01 2.58
N SER A 213 -13.43 18.96 2.49
CA SER A 213 -13.03 17.69 1.93
C SER A 213 -12.68 17.80 0.45
N ARG A 214 -13.44 18.60 -0.27
CA ARG A 214 -13.16 18.78 -1.69
C ARG A 214 -11.82 19.46 -1.88
N ARG A 215 -11.54 20.49 -1.07
CA ARG A 215 -10.27 21.19 -1.12
C ARG A 215 -9.13 20.18 -0.88
N GLU A 216 -9.34 19.27 0.06
CA GLU A 216 -8.32 18.34 0.52
C GLU A 216 -7.99 17.27 -0.52
N LEU A 217 -9.01 16.91 -1.31
CA LEU A 217 -8.91 15.88 -2.33
C LEU A 217 -8.72 16.46 -3.73
N GLY A 218 -8.60 17.78 -3.82
CA GLY A 218 -8.37 18.43 -5.09
C GLY A 218 -9.52 18.39 -6.06
N ILE A 219 -10.74 18.25 -5.54
CA ILE A 219 -11.97 18.21 -6.33
C ILE A 219 -12.55 19.61 -6.50
N PRO A 220 -13.02 19.97 -7.71
CA PRO A 220 -13.66 21.28 -7.87
C PRO A 220 -14.90 21.48 -6.97
N LEU A 221 -15.03 22.69 -6.42
CA LEU A 221 -16.09 22.98 -5.46
C LEU A 221 -17.49 22.99 -6.09
N HIS A 222 -17.58 23.44 -7.34
CA HIS A 222 -18.83 23.48 -8.05
C HIS A 222 -18.83 22.34 -9.05
N THR A 223 -19.18 21.16 -8.58
CA THR A 223 -19.37 20.02 -9.46
C THR A 223 -20.11 18.98 -8.66
N LYS A 224 -20.73 18.04 -9.33
CA LYS A 224 -21.40 16.96 -8.64
C LYS A 224 -20.45 15.81 -8.64
N VAL A 225 -20.39 15.11 -7.51
CA VAL A 225 -19.49 13.99 -7.39
C VAL A 225 -20.30 12.74 -7.03
N VAL A 226 -20.08 11.69 -7.82
CA VAL A 226 -20.44 10.33 -7.44
C VAL A 226 -19.16 9.61 -7.03
N ALA A 227 -19.21 8.89 -5.91
CA ALA A 227 -18.10 8.11 -5.45
C ALA A 227 -18.43 6.62 -5.48
N PHE A 228 -17.43 5.82 -5.83
CA PHE A 228 -17.50 4.40 -5.57
C PHE A 228 -16.40 4.13 -4.59
N VAL A 229 -16.73 3.39 -3.53
CA VAL A 229 -15.77 2.98 -2.53
C VAL A 229 -15.77 1.46 -2.41
N GLY A 230 -14.57 0.88 -2.41
CA GLY A 230 -14.43 -0.56 -2.17
C GLY A 230 -13.50 -1.27 -3.13
N ARG A 231 -13.31 -2.57 -2.88
CA ARG A 231 -12.50 -3.43 -3.72
C ARG A 231 -12.98 -3.37 -5.17
N LEU A 232 -12.02 -3.25 -6.08
CA LEU A 232 -12.27 -3.17 -7.52
C LEU A 232 -12.26 -4.58 -8.09
N GLN A 233 -13.39 -5.25 -7.96
CA GLN A 233 -13.50 -6.65 -8.28
C GLN A 233 -14.83 -6.66 -9.05
N PRO A 234 -14.95 -7.45 -10.13
CA PRO A 234 -16.17 -7.38 -10.94
C PRO A 234 -17.47 -7.55 -10.13
N PHE A 235 -17.46 -8.44 -9.14
CA PHE A 235 -18.64 -8.69 -8.32
C PHE A 235 -19.15 -7.44 -7.56
N LYS A 236 -18.33 -6.39 -7.53
CA LYS A 236 -18.69 -5.12 -6.87
C LYS A 236 -19.26 -4.08 -7.84
N GLY A 237 -19.30 -4.44 -9.11
CA GLY A 237 -19.85 -3.58 -10.17
C GLY A 237 -19.27 -2.19 -10.36
N PRO A 238 -17.95 -1.99 -10.19
CA PRO A 238 -17.49 -0.62 -10.51
C PRO A 238 -17.63 -0.36 -12.00
N GLN A 239 -17.57 -1.43 -12.79
CA GLN A 239 -17.75 -1.36 -14.24
C GLN A 239 -19.14 -0.81 -14.58
N VAL A 240 -20.10 -1.06 -13.69
CA VAL A 240 -21.45 -0.59 -13.88
C VAL A 240 -21.51 0.93 -13.73
N LEU A 241 -20.82 1.45 -12.72
CA LEU A 241 -20.72 2.89 -12.54
C LEU A 241 -20.05 3.52 -13.76
N ILE A 242 -18.92 2.95 -14.18
CA ILE A 242 -18.17 3.49 -15.29
C ILE A 242 -19.04 3.49 -16.56
N LYS A 243 -19.72 2.38 -16.83
CA LYS A 243 -20.60 2.28 -18.01
C LYS A 243 -21.79 3.25 -17.93
N ALA A 244 -22.33 3.43 -16.73
CA ALA A 244 -23.49 4.30 -16.52
C ALA A 244 -23.08 5.75 -16.68
N VAL A 245 -21.86 6.07 -16.25
CA VAL A 245 -21.34 7.42 -16.33
C VAL A 245 -21.09 7.75 -17.80
N ALA A 246 -20.66 6.76 -18.56
CA ALA A 246 -20.51 6.90 -20.01
C ALA A 246 -21.85 7.23 -20.68
N ALA A 247 -22.89 6.51 -20.28
CA ALA A 247 -24.25 6.73 -20.78
C ALA A 247 -24.73 8.15 -20.46
N LEU A 248 -24.49 8.60 -19.23
CA LEU A 248 -24.82 9.96 -18.83
C LEU A 248 -24.16 11.00 -19.72
N PHE A 249 -22.89 10.77 -20.06
CA PHE A 249 -22.18 11.69 -20.94
C PHE A 249 -22.56 11.53 -22.42
N ASP A 250 -23.19 10.41 -22.78
CA ASP A 250 -23.82 10.29 -24.11
C ASP A 250 -25.09 11.13 -24.21
N ARG A 251 -25.84 11.21 -23.11
CA ARG A 251 -27.09 11.97 -23.06
C ARG A 251 -26.84 13.47 -23.01
N ASP A 252 -25.84 13.88 -22.23
CA ASP A 252 -25.51 15.29 -22.08
C ASP A 252 -23.99 15.43 -21.86
N PRO A 253 -23.23 15.72 -22.93
CA PRO A 253 -21.75 15.67 -22.89
C PRO A 253 -21.09 16.67 -21.95
N ASP A 254 -21.78 17.74 -21.59
CA ASP A 254 -21.21 18.69 -20.62
C ASP A 254 -21.97 18.76 -19.29
N ARG A 255 -22.52 17.61 -18.89
CA ARG A 255 -23.04 17.43 -17.53
C ARG A 255 -21.93 17.76 -16.53
N ASN A 256 -22.29 18.46 -15.46
CA ASN A 256 -21.34 18.82 -14.41
C ASN A 256 -21.22 17.65 -13.45
N LEU A 257 -20.25 16.78 -13.72
CA LEU A 257 -20.12 15.54 -12.99
C LEU A 257 -18.67 15.06 -12.99
N ARG A 258 -18.18 14.72 -11.81
CA ARG A 258 -16.88 14.09 -11.65
C ARG A 258 -17.10 12.83 -10.83
N VAL A 259 -16.29 11.81 -11.10
CA VAL A 259 -16.39 10.55 -10.38
C VAL A 259 -15.10 10.27 -9.62
N ILE A 260 -15.23 9.83 -8.36
CA ILE A 260 -14.07 9.31 -7.65
C ILE A 260 -14.28 7.83 -7.33
N ILE A 261 -13.27 7.02 -7.66
CA ILE A 261 -13.31 5.58 -7.39
C ILE A 261 -12.19 5.25 -6.42
N CYS A 262 -12.52 4.61 -5.30
CA CYS A 262 -11.58 4.48 -4.20
C CYS A 262 -11.68 3.19 -3.36
N GLY A 263 -10.63 2.28 -3.44
CA GLY A 263 -10.45 1.44 -4.71
C GLY A 263 -9.10 0.77 -4.90
N GLY A 264 -9.04 -0.55 -4.65
CA GLY A 264 -7.91 -1.36 -5.10
C GLY A 264 -8.31 -2.71 -5.71
N PRO A 265 -7.48 -3.25 -6.62
CA PRO A 265 -7.83 -4.46 -7.39
C PRO A 265 -7.82 -5.75 -6.56
N THR A 274 -6.90 -0.80 -15.58
CA THR A 274 -7.79 -1.89 -16.00
C THR A 274 -9.29 -1.47 -15.98
N TYR A 275 -9.76 -0.91 -14.85
CA TYR A 275 -10.98 -0.10 -14.85
C TYR A 275 -10.67 1.29 -15.41
N ARG A 276 -9.43 1.73 -15.22
CA ARG A 276 -8.94 2.94 -15.89
C ARG A 276 -8.93 2.69 -17.41
N HIS A 277 -8.62 1.46 -17.79
CA HIS A 277 -8.58 1.08 -19.20
C HIS A 277 -9.97 1.11 -19.80
N MET A 278 -10.92 0.51 -19.09
CA MET A 278 -12.33 0.54 -19.47
C MET A 278 -12.82 1.98 -19.60
N ALA A 279 -12.44 2.83 -18.64
CA ALA A 279 -12.82 4.24 -18.63
C ALA A 279 -12.28 4.99 -19.85
N GLU A 280 -11.03 4.72 -20.25
CA GLU A 280 -10.51 5.39 -21.46
C GLU A 280 -11.09 4.83 -22.75
N GLU A 281 -11.35 3.52 -22.77
CA GLU A 281 -12.05 2.88 -23.88
C GLU A 281 -13.44 3.48 -24.12
N LEU A 282 -14.08 3.96 -23.05
CA LEU A 282 -15.42 4.55 -23.13
C LEU A 282 -15.42 6.08 -23.23
N GLY A 283 -14.23 6.67 -23.22
CA GLY A 283 -14.08 8.12 -23.39
C GLY A 283 -14.27 8.97 -22.15
N VAL A 284 -14.29 8.34 -20.98
CA VAL A 284 -14.65 9.05 -19.75
C VAL A 284 -13.51 9.19 -18.75
N GLU A 285 -12.28 8.94 -19.21
CA GLU A 285 -11.07 9.00 -18.35
C GLU A 285 -10.93 10.32 -17.59
N LYS A 286 -11.18 11.43 -18.26
CA LYS A 286 -10.95 12.77 -17.72
C LYS A 286 -11.99 13.20 -16.68
N ARG A 287 -13.13 12.50 -16.61
CA ARG A 287 -14.13 12.80 -15.58
C ARG A 287 -14.06 11.78 -14.44
N ILE A 288 -13.24 10.74 -14.61
CA ILE A 288 -13.08 9.72 -13.56
C ILE A 288 -11.67 9.74 -12.95
N ARG A 289 -11.60 9.63 -11.64
CA ARG A 289 -10.39 9.76 -10.88
C ARG A 289 -10.32 8.57 -9.91
N PHE A 290 -9.23 7.80 -9.97
CA PHE A 290 -9.07 6.58 -9.19
C PHE A 290 -8.19 6.86 -8.00
N LEU A 291 -8.74 6.68 -6.79
CA LEU A 291 -7.96 6.92 -5.58
C LEU A 291 -7.50 5.63 -4.94
N ASP A 292 -6.28 5.65 -4.43
CA ASP A 292 -5.73 4.55 -3.68
C ASP A 292 -6.55 4.29 -2.41
N PRO A 293 -6.57 3.05 -1.94
CA PRO A 293 -7.34 2.84 -0.72
C PRO A 293 -6.63 3.50 0.47
N ARG A 294 -7.40 3.95 1.43
CA ARG A 294 -6.91 4.73 2.55
C ARG A 294 -7.60 4.32 3.87
N PRO A 295 -6.96 4.64 5.03
CA PRO A 295 -7.57 4.30 6.34
C PRO A 295 -8.88 5.05 6.53
N PRO A 296 -9.79 4.54 7.40
CA PRO A 296 -11.06 5.20 7.65
C PRO A 296 -10.90 6.69 7.96
N SER A 297 -9.89 7.08 8.74
CA SER A 297 -9.72 8.49 9.07
C SER A 297 -9.58 9.34 7.81
N GLU A 298 -9.15 8.74 6.70
CA GLU A 298 -9.04 9.47 5.45
C GLU A 298 -10.20 9.25 4.48
N LEU A 299 -10.85 8.09 4.57
CA LEU A 299 -11.99 7.79 3.71
C LEU A 299 -13.12 8.79 3.94
N VAL A 300 -13.32 9.23 5.19
CA VAL A 300 -14.39 10.19 5.52
C VAL A 300 -14.49 11.30 4.45
N ALA A 301 -13.34 11.80 4.05
CA ALA A 301 -13.26 12.88 3.09
C ALA A 301 -13.85 12.47 1.75
N VAL A 302 -13.72 11.20 1.39
CA VAL A 302 -14.29 10.76 0.11
C VAL A 302 -15.82 10.78 0.21
N TYR A 303 -16.34 10.27 1.32
CA TYR A 303 -17.76 10.25 1.58
C TYR A 303 -18.35 11.65 1.66
N ARG A 304 -17.68 12.54 2.40
CA ARG A 304 -18.18 13.89 2.56
C ARG A 304 -18.09 14.64 1.24
N ALA A 305 -17.01 14.43 0.49
CA ALA A 305 -16.85 15.12 -0.78
C ALA A 305 -17.97 14.75 -1.76
N ALA A 306 -18.47 13.53 -1.62
CA ALA A 306 -19.43 12.96 -2.55
C ALA A 306 -20.87 13.49 -2.39
N ASP A 307 -21.54 13.70 -3.53
CA ASP A 307 -22.97 13.97 -3.50
C ASP A 307 -23.78 12.67 -3.45
N ILE A 308 -23.22 11.61 -4.04
CA ILE A 308 -23.87 10.32 -4.13
C ILE A 308 -22.79 9.26 -4.09
N VAL A 309 -23.00 8.23 -3.28
CA VAL A 309 -22.15 7.05 -3.33
C VAL A 309 -22.92 5.95 -4.05
N ALA A 310 -22.35 5.44 -5.14
CA ALA A 310 -22.98 4.39 -5.92
C ALA A 310 -22.40 3.05 -5.51
N VAL A 311 -23.27 2.11 -5.16
CA VAL A 311 -22.81 0.79 -4.79
C VAL A 311 -23.49 -0.33 -5.56
N PRO A 312 -23.01 -0.58 -6.80
CA PRO A 312 -23.58 -1.49 -7.79
C PRO A 312 -23.18 -2.94 -7.64
N SER A 313 -23.16 -3.43 -6.40
CA SER A 313 -22.73 -4.79 -6.09
C SER A 313 -23.54 -5.84 -6.84
N PHE A 314 -22.90 -6.95 -7.20
CA PHE A 314 -23.60 -8.10 -7.73
C PHE A 314 -23.86 -9.06 -6.59
N ASN A 315 -22.93 -9.06 -5.63
CA ASN A 315 -23.09 -9.82 -4.40
C ASN A 315 -22.75 -8.93 -3.19
N GLU A 316 -23.33 -9.27 -2.03
CA GLU A 316 -23.31 -8.45 -0.81
C GLU A 316 -24.32 -9.16 0.11
N SER A 317 -24.78 -8.60 1.24
CA SER A 317 -23.98 -8.28 2.47
C SER A 317 -24.76 -8.31 3.83
N PHE A 318 -24.58 -7.38 4.78
CA PHE A 318 -24.94 -5.95 4.79
C PHE A 318 -24.62 -4.85 3.80
N GLY A 319 -23.36 -4.58 3.49
CA GLY A 319 -23.06 -3.40 2.70
C GLY A 319 -22.65 -2.26 3.60
N LEU A 320 -21.51 -2.49 4.25
CA LEU A 320 -20.80 -1.53 5.08
C LEU A 320 -20.54 -0.17 4.41
N VAL A 321 -20.19 -0.18 3.13
CA VAL A 321 -19.98 1.06 2.40
C VAL A 321 -21.29 1.84 2.33
N ALA A 322 -22.39 1.16 2.05
CA ALA A 322 -23.67 1.86 2.04
C ALA A 322 -23.92 2.50 3.39
N MET A 323 -23.68 1.76 4.47
CA MET A 323 -23.87 2.30 5.83
C MET A 323 -22.95 3.49 6.15
N GLU A 324 -21.65 3.36 5.87
CA GLU A 324 -20.71 4.44 6.14
C GLU A 324 -21.01 5.71 5.37
N ALA A 325 -21.42 5.56 4.11
CA ALA A 325 -21.77 6.72 3.29
C ALA A 325 -23.00 7.47 3.86
N GLN A 326 -24.01 6.69 4.27
CA GLN A 326 -25.20 7.19 4.93
C GLN A 326 -24.83 7.97 6.20
N ALA A 327 -23.94 7.39 7.00
CA ALA A 327 -23.56 7.98 8.27
C ALA A 327 -22.92 9.33 8.06
N SER A 328 -22.30 9.49 6.90
CA SER A 328 -21.56 10.67 6.54
C SER A 328 -22.46 11.67 5.83
N GLY A 329 -23.77 11.41 5.81
CA GLY A 329 -24.75 12.33 5.23
C GLY A 329 -24.81 12.35 3.71
N THR A 330 -24.54 11.19 3.11
CA THR A 330 -24.47 11.11 1.66
C THR A 330 -25.42 10.02 1.19
N PRO A 331 -26.39 10.37 0.32
CA PRO A 331 -27.32 9.37 -0.19
C PRO A 331 -26.62 8.29 -1.02
N VAL A 332 -27.21 7.09 -1.00
CA VAL A 332 -26.65 5.93 -1.68
C VAL A 332 -27.57 5.50 -2.79
N ILE A 333 -27.00 5.12 -3.93
CA ILE A 333 -27.78 4.39 -4.93
C ILE A 333 -27.19 2.99 -5.00
N ALA A 334 -27.98 2.01 -4.57
CA ALA A 334 -27.50 0.63 -4.41
C ALA A 334 -28.25 -0.33 -5.31
N ALA A 335 -27.59 -1.43 -5.66
CA ALA A 335 -28.23 -2.56 -6.31
C ALA A 335 -29.18 -3.21 -5.30
N ARG A 336 -30.33 -3.71 -5.77
CA ARG A 336 -31.22 -4.45 -4.88
C ARG A 336 -30.63 -5.86 -4.68
N VAL A 337 -29.68 -5.95 -3.76
CA VAL A 337 -28.82 -7.13 -3.61
C VAL A 337 -28.37 -7.26 -2.15
N GLY A 338 -28.29 -8.51 -1.66
CA GLY A 338 -27.85 -8.78 -0.28
C GLY A 338 -28.51 -7.92 0.79
N GLY A 339 -27.68 -7.30 1.63
CA GLY A 339 -28.16 -6.44 2.71
C GLY A 339 -28.46 -5.01 2.31
N LEU A 340 -28.12 -4.65 1.08
CA LEU A 340 -28.29 -3.27 0.65
C LEU A 340 -29.73 -2.70 0.84
N PRO A 341 -30.80 -3.49 0.54
CA PRO A 341 -32.16 -2.95 0.80
C PRO A 341 -32.48 -2.69 2.28
N ILE A 342 -31.70 -3.25 3.20
CA ILE A 342 -31.85 -3.00 4.63
C ILE A 342 -30.93 -1.87 5.08
N ALA A 343 -29.72 -1.85 4.54
CA ALA A 343 -28.77 -0.76 4.77
C ALA A 343 -29.31 0.58 4.25
N VAL A 344 -29.99 0.56 3.11
CA VAL A 344 -30.57 1.78 2.54
C VAL A 344 -32.08 1.72 2.69
N ALA A 345 -32.68 2.81 3.15
CA ALA A 345 -34.15 2.91 3.21
C ALA A 345 -34.62 3.49 1.88
N GLU A 346 -34.98 2.61 0.96
CA GLU A 346 -35.43 3.01 -0.36
C GLU A 346 -36.40 4.21 -0.34
N GLY A 347 -36.12 5.18 -1.20
CA GLY A 347 -36.94 6.38 -1.34
C GLY A 347 -36.78 7.41 -0.23
N GLU A 348 -36.09 7.05 0.86
CA GLU A 348 -35.87 7.98 1.99
C GLU A 348 -34.39 8.40 2.15
N THR A 349 -33.47 7.45 2.04
CA THR A 349 -32.06 7.78 2.24
C THR A 349 -31.23 7.43 1.00
N GLY A 350 -31.91 7.09 -0.08
CA GLY A 350 -31.28 6.70 -1.32
C GLY A 350 -32.21 5.95 -2.24
N LEU A 351 -31.64 5.36 -3.29
CA LEU A 351 -32.39 4.63 -4.28
C LEU A 351 -31.85 3.21 -4.38
N LEU A 352 -32.71 2.30 -4.84
CA LEU A 352 -32.33 0.93 -5.12
C LEU A 352 -32.57 0.63 -6.59
N VAL A 353 -31.56 0.14 -7.29
CA VAL A 353 -31.72 -0.19 -8.71
C VAL A 353 -31.88 -1.70 -8.88
N ASP A 354 -32.83 -2.11 -9.73
CA ASP A 354 -32.95 -3.52 -10.08
C ASP A 354 -32.02 -3.81 -11.24
N GLY A 355 -31.13 -4.78 -11.07
CA GLY A 355 -30.22 -5.15 -12.14
C GLY A 355 -29.02 -4.23 -12.26
N HIS A 356 -28.26 -4.42 -13.33
CA HIS A 356 -26.97 -3.75 -13.48
C HIS A 356 -26.79 -3.23 -14.89
N SER A 357 -27.89 -2.85 -15.53
CA SER A 357 -27.83 -2.26 -16.85
C SER A 357 -27.40 -0.80 -16.72
N PRO A 358 -26.41 -0.38 -17.53
CA PRO A 358 -25.94 1.00 -17.54
C PRO A 358 -27.11 2.00 -17.65
N HIS A 359 -28.10 1.66 -18.46
CA HIS A 359 -29.28 2.51 -18.65
C HIS A 359 -30.05 2.78 -17.35
N ALA A 360 -30.34 1.71 -16.60
CA ALA A 360 -31.02 1.81 -15.31
C ALA A 360 -30.23 2.63 -14.28
N TRP A 361 -28.91 2.48 -14.29
CA TRP A 361 -28.06 3.24 -13.40
C TRP A 361 -27.92 4.70 -13.81
N ALA A 362 -27.78 4.95 -15.11
CA ALA A 362 -27.86 6.31 -15.61
C ALA A 362 -29.16 6.98 -15.15
N ASP A 363 -30.28 6.29 -15.29
CA ASP A 363 -31.57 6.84 -14.86
C ASP A 363 -31.54 7.24 -13.39
N ALA A 364 -31.12 6.30 -12.53
CA ALA A 364 -31.12 6.54 -11.09
C ALA A 364 -30.12 7.63 -10.69
N LEU A 365 -28.94 7.64 -11.31
CA LEU A 365 -27.96 8.68 -11.03
C LEU A 365 -28.49 10.05 -11.46
N ALA A 366 -29.05 10.12 -12.67
CA ALA A 366 -29.61 11.36 -13.19
C ALA A 366 -30.72 11.93 -12.32
N THR A 367 -31.58 11.07 -11.76
CA THR A 367 -32.69 11.61 -10.97
C THR A 367 -32.21 12.20 -9.65
N LEU A 368 -31.17 11.63 -9.04
CA LEU A 368 -30.58 12.25 -7.83
C LEU A 368 -29.66 13.44 -8.11
N LEU A 369 -28.98 13.41 -9.25
CA LEU A 369 -28.11 14.52 -9.64
C LEU A 369 -28.90 15.79 -9.97
N ASP A 370 -30.04 15.63 -10.64
CA ASP A 370 -30.80 16.77 -11.19
C ASP A 370 -31.92 17.29 -10.29
N ASP A 371 -32.16 16.58 -9.19
CA ASP A 371 -33.13 16.97 -8.20
C ASP A 371 -32.43 17.27 -6.88
N ASP A 372 -31.93 18.49 -6.75
CA ASP A 372 -31.17 18.90 -5.57
C ASP A 372 -31.94 18.79 -4.26
N GLU A 373 -33.17 19.27 -4.26
CA GLU A 373 -33.99 19.31 -3.05
C GLU A 373 -34.15 17.89 -2.44
N THR A 374 -34.51 16.92 -3.28
CA THR A 374 -34.61 15.52 -2.87
C THR A 374 -33.28 15.00 -2.34
N ARG A 375 -32.21 15.17 -3.13
CA ARG A 375 -30.92 14.61 -2.78
C ARG A 375 -30.42 15.15 -1.44
N ILE A 376 -30.54 16.46 -1.25
CA ILE A 376 -30.13 17.11 0.00
C ILE A 376 -30.87 16.49 1.19
N ARG A 377 -32.19 16.31 1.05
CA ARG A 377 -33.03 15.71 2.10
C ARG A 377 -32.62 14.26 2.43
N MET A 378 -32.38 13.46 1.39
CA MET A 378 -31.93 12.11 1.60
C MET A 378 -30.65 12.09 2.44
N GLY A 379 -29.74 13.02 2.14
CA GLY A 379 -28.44 13.06 2.81
C GLY A 379 -28.63 13.35 4.28
N GLU A 380 -29.55 14.25 4.59
CA GLU A 380 -29.82 14.62 5.97
C GLU A 380 -30.51 13.45 6.68
N ASP A 381 -31.45 12.81 6.00
CA ASP A 381 -32.16 11.67 6.56
C ASP A 381 -31.23 10.45 6.72
N ALA A 382 -30.30 10.29 5.78
CA ALA A 382 -29.30 9.21 5.83
C ALA A 382 -28.55 9.20 7.16
N VAL A 383 -28.23 10.37 7.68
CA VAL A 383 -27.59 10.47 8.98
C VAL A 383 -28.47 9.85 10.06
N GLU A 384 -29.70 10.32 10.18
CA GLU A 384 -30.64 9.78 11.17
C GLU A 384 -30.81 8.26 11.03
N HIS A 385 -30.84 7.77 9.79
CA HIS A 385 -30.99 6.33 9.54
C HIS A 385 -29.77 5.53 9.99
N ALA A 386 -28.59 6.07 9.72
CA ALA A 386 -27.35 5.37 9.97
C ALA A 386 -26.99 5.27 11.44
N ARG A 387 -27.57 6.12 12.28
CA ARG A 387 -27.27 6.01 13.69
C ARG A 387 -27.93 4.78 14.37
N THR A 388 -28.81 4.10 13.65
CA THR A 388 -29.26 2.78 14.07
C THR A 388 -28.15 1.71 13.96
N PHE A 389 -27.01 2.08 13.40
CA PHE A 389 -25.93 1.13 13.28
C PHE A 389 -24.67 1.47 14.04
N SER A 390 -24.18 0.54 14.84
CA SER A 390 -23.65 0.80 16.19
C SER A 390 -22.79 -0.42 16.53
N TRP A 391 -21.51 -0.37 16.14
CA TRP A 391 -20.58 -1.44 16.45
C TRP A 391 -20.70 -1.85 17.91
N ALA A 392 -21.05 -0.90 18.75
CA ALA A 392 -21.20 -1.17 20.15
C ALA A 392 -22.46 -1.86 20.68
N ALA A 393 -23.66 -1.52 20.15
CA ALA A 393 -24.70 -2.49 19.66
C ALA A 393 -24.34 -3.87 19.15
N THR A 394 -23.65 -3.96 18.02
CA THR A 394 -23.26 -5.24 17.48
C THR A 394 -22.56 -6.07 18.57
N ALA A 395 -21.60 -5.48 19.26
CA ALA A 395 -20.83 -6.21 20.26
C ALA A 395 -21.66 -6.63 21.47
N ALA A 396 -22.59 -5.77 21.86
CA ALA A 396 -23.53 -6.08 22.93
C ALA A 396 -24.35 -7.32 22.58
N GLN A 397 -24.80 -7.42 21.33
CA GLN A 397 -25.47 -8.61 20.85
C GLN A 397 -24.56 -9.84 20.86
N LEU A 398 -23.31 -9.71 20.38
CA LEU A 398 -22.39 -10.84 20.41
C LEU A 398 -22.08 -11.30 21.83
N SER A 399 -21.79 -10.34 22.70
CA SER A 399 -21.60 -10.59 24.10
C SER A 399 -22.69 -11.49 24.70
N SER A 400 -23.96 -11.16 24.47
CA SER A 400 -25.07 -12.01 24.93
C SER A 400 -25.03 -13.38 24.30
N LEU A 401 -24.84 -13.37 22.99
CA LEU A 401 -24.74 -14.57 22.22
C LEU A 401 -23.66 -15.50 22.81
N TYR A 402 -22.50 -14.92 23.15
CA TYR A 402 -21.40 -15.69 23.72
C TYR A 402 -21.81 -16.25 25.07
N ASN A 403 -22.40 -15.40 25.92
CA ASN A 403 -22.81 -15.80 27.27
C ASN A 403 -23.81 -16.93 27.27
N ASP A 404 -24.80 -16.87 26.38
CA ASP A 404 -25.74 -17.98 26.21
C ASP A 404 -25.02 -19.25 25.76
N ALA A 405 -24.20 -19.14 24.72
CA ALA A 405 -23.47 -20.29 24.16
C ALA A 405 -22.66 -20.96 25.24
N ILE A 406 -21.95 -20.16 26.02
CA ILE A 406 -21.18 -20.70 27.15
C ILE A 406 -22.11 -21.39 28.16
N ALA A 407 -23.15 -20.68 28.59
CA ALA A 407 -24.15 -21.23 29.52
C ALA A 407 -24.79 -22.57 29.11
N ASN A 408 -24.94 -22.84 27.81
CA ASN A 408 -25.57 -24.10 27.34
C ASN A 408 -24.68 -25.33 27.07
N GLU A 409 -23.36 -25.21 27.21
CA GLU A 409 -22.44 -26.32 26.84
C GLU A 409 -22.43 -27.55 27.78
N MET B 1 23.50 21.16 16.91
CA MET B 1 23.27 21.57 15.50
C MET B 1 21.89 21.14 15.06
N ARG B 2 21.18 22.02 14.37
CA ARG B 2 19.89 21.66 13.82
C ARG B 2 19.83 21.85 12.30
N VAL B 3 19.55 20.75 11.61
CA VAL B 3 19.47 20.73 10.16
C VAL B 3 18.01 20.64 9.74
N ALA B 4 17.64 21.48 8.78
CA ALA B 4 16.38 21.35 8.08
C ALA B 4 16.63 20.68 6.77
N MET B 5 16.16 19.44 6.65
CA MET B 5 16.17 18.75 5.36
C MET B 5 14.87 19.02 4.64
N ILE B 6 14.96 19.33 3.34
CA ILE B 6 13.76 19.57 2.56
C ILE B 6 13.58 18.50 1.50
N SER B 7 12.41 17.87 1.52
CA SER B 7 12.06 16.84 0.56
C SER B 7 10.62 17.07 0.10
N MET B 8 10.41 18.08 -0.72
CA MET B 8 9.06 18.60 -0.97
C MET B 8 8.09 17.58 -1.55
N HIS B 9 8.47 16.93 -2.63
CA HIS B 9 7.51 16.21 -3.45
C HIS B 9 7.28 14.77 -3.09
N THR B 10 8.04 14.26 -2.12
CA THR B 10 7.88 12.88 -1.67
C THR B 10 8.43 12.76 -0.26
N SER B 11 7.81 11.91 0.53
CA SER B 11 8.10 11.84 1.95
C SER B 11 9.02 10.65 2.25
N PRO B 12 9.95 10.83 3.21
CA PRO B 12 10.81 9.72 3.61
C PRO B 12 10.00 8.60 4.28
N LEU B 13 8.80 8.93 4.72
CA LEU B 13 7.89 7.96 5.33
C LEU B 13 7.07 7.18 4.28
N GLN B 14 7.15 7.56 3.01
CA GLN B 14 6.44 6.83 1.96
C GLN B 14 7.22 5.56 1.57
N GLN B 15 6.52 4.42 1.48
CA GLN B 15 7.15 3.15 1.10
C GLN B 15 7.90 3.28 -0.25
N PRO B 16 9.24 3.09 -0.23
CA PRO B 16 10.04 3.22 -1.46
C PRO B 16 9.86 2.04 -2.40
N GLY B 17 9.95 2.30 -3.70
CA GLY B 17 9.70 1.28 -4.71
C GLY B 17 8.40 1.42 -5.48
N THR B 18 7.64 2.48 -5.21
CA THR B 18 6.39 2.83 -5.91
C THR B 18 6.20 4.32 -5.98
N GLY B 19 5.37 4.73 -6.95
CA GLY B 19 4.98 6.11 -7.12
C GLY B 19 6.22 6.95 -7.21
N ASP B 20 6.26 8.02 -6.45
CA ASP B 20 7.43 8.88 -6.46
C ASP B 20 8.48 8.51 -5.38
N SER B 21 8.29 7.39 -4.69
CA SER B 21 9.21 7.04 -3.62
C SER B 21 10.21 5.98 -4.06
N GLY B 22 11.50 6.28 -3.87
CA GLY B 22 12.59 5.39 -4.28
C GLY B 22 13.86 5.65 -3.50
N GLY B 23 15.00 5.55 -4.20
CA GLY B 23 16.33 5.65 -3.57
C GLY B 23 16.62 6.98 -2.89
N MET B 24 16.08 8.07 -3.41
CA MET B 24 16.25 9.34 -2.74
C MET B 24 15.62 9.35 -1.34
N ASN B 25 14.44 8.72 -1.21
CA ASN B 25 13.75 8.63 0.07
C ASN B 25 14.53 7.83 1.11
N VAL B 26 15.05 6.67 0.72
CA VAL B 26 15.88 5.92 1.67
C VAL B 26 17.19 6.64 1.95
N TYR B 27 17.71 7.33 0.93
CA TYR B 27 18.85 8.21 1.13
C TYR B 27 18.59 9.22 2.24
N ILE B 28 17.56 10.03 2.05
CA ILE B 28 17.14 11.01 3.06
C ILE B 28 16.88 10.38 4.45
N LEU B 29 16.10 9.30 4.51
CA LEU B 29 15.77 8.72 5.80
C LEU B 29 16.98 8.09 6.48
N SER B 30 17.81 7.39 5.72
CA SER B 30 18.94 6.68 6.29
C SER B 30 20.01 7.63 6.82
N THR B 31 20.37 8.63 6.01
CA THR B 31 21.34 9.65 6.42
C THR B 31 20.81 10.38 7.64
N ALA B 32 19.55 10.81 7.58
CA ALA B 32 18.90 11.53 8.68
C ALA B 32 18.96 10.76 9.99
N THR B 33 18.58 9.49 9.92
CA THR B 33 18.57 8.58 11.07
C THR B 33 19.96 8.48 11.66
N GLU B 34 20.94 8.37 10.77
CA GLU B 34 22.30 8.23 11.19
C GLU B 34 22.84 9.54 11.80
N LEU B 35 22.51 10.66 11.17
CA LEU B 35 22.86 11.97 11.74
C LEU B 35 22.24 12.17 13.12
N ALA B 36 20.98 11.76 13.27
CA ALA B 36 20.26 11.87 14.54
C ALA B 36 20.94 11.06 15.64
N LYS B 37 21.38 9.84 15.31
CA LYS B 37 22.15 8.99 16.23
C LYS B 37 23.37 9.70 16.83
N GLN B 38 24.09 10.46 16.01
CA GLN B 38 25.25 11.20 16.51
C GLN B 38 24.91 12.61 17.05
N GLY B 39 23.63 12.83 17.37
CA GLY B 39 23.20 14.02 18.11
C GLY B 39 22.86 15.27 17.33
N ILE B 40 22.89 15.18 16.00
CA ILE B 40 22.47 16.29 15.15
C ILE B 40 20.94 16.27 15.06
N GLU B 41 20.30 17.41 15.31
CA GLU B 41 18.84 17.47 15.25
C GLU B 41 18.37 17.70 13.82
N VAL B 42 17.69 16.71 13.27
CA VAL B 42 17.21 16.79 11.89
C VAL B 42 15.70 16.84 11.85
N ASP B 43 15.16 17.81 11.11
CA ASP B 43 13.73 17.89 10.74
C ASP B 43 13.60 17.76 9.23
N ILE B 44 12.89 16.73 8.77
CA ILE B 44 12.67 16.57 7.34
C ILE B 44 11.32 17.19 6.97
N TYR B 45 11.36 18.18 6.08
CA TYR B 45 10.15 18.85 5.63
C TYR B 45 9.61 18.24 4.35
N THR B 46 8.31 17.94 4.36
CA THR B 46 7.71 17.38 3.17
C THR B 46 6.26 17.83 3.04
N ARG B 47 5.75 17.83 1.81
CA ARG B 47 4.36 18.21 1.58
C ARG B 47 3.42 17.15 2.18
N ALA B 48 2.44 17.60 2.96
CA ALA B 48 1.44 16.72 3.59
C ALA B 48 0.58 16.00 2.54
N THR B 49 0.50 14.69 2.64
CA THR B 49 -0.29 13.89 1.71
C THR B 49 -1.21 12.89 2.43
N ARG B 50 -0.83 12.51 3.64
CA ARG B 50 -1.58 11.52 4.40
C ARG B 50 -1.89 12.07 5.79
N PRO B 51 -3.03 12.80 5.93
CA PRO B 51 -3.36 13.56 7.15
C PRO B 51 -3.44 12.75 8.45
N SER B 52 -3.66 11.45 8.35
CA SER B 52 -3.66 10.63 9.55
C SER B 52 -2.29 10.58 10.23
N GLN B 53 -1.25 11.06 9.56
CA GLN B 53 0.07 11.12 10.15
C GLN B 53 0.21 12.31 11.10
N GLY B 54 -0.57 13.36 10.86
CA GLY B 54 -0.44 14.60 11.61
C GLY B 54 0.67 15.50 11.06
N GLU B 55 0.89 16.64 11.73
CA GLU B 55 1.89 17.61 11.29
C GLU B 55 3.33 17.15 11.60
N ILE B 56 3.57 16.70 12.84
CA ILE B 56 4.89 16.32 13.32
C ILE B 56 4.96 14.83 13.62
N VAL B 57 5.89 14.13 12.99
CA VAL B 57 6.11 12.71 13.25
C VAL B 57 7.49 12.54 13.93
N ARG B 58 7.47 12.10 15.18
CA ARG B 58 8.69 11.81 15.90
C ARG B 58 9.14 10.43 15.41
N VAL B 59 10.23 10.38 14.66
CA VAL B 59 10.68 9.11 14.07
C VAL B 59 11.64 8.40 14.99
N ALA B 60 12.65 9.14 15.44
CA ALA B 60 13.55 8.67 16.50
C ALA B 60 14.01 9.89 17.28
N GLU B 61 14.80 9.67 18.33
CA GLU B 61 15.38 10.79 19.07
C GLU B 61 16.17 11.65 18.10
N ASN B 62 15.91 12.95 18.11
CA ASN B 62 16.55 13.94 17.24
C ASN B 62 16.09 13.93 15.77
N LEU B 63 15.07 13.14 15.47
CA LEU B 63 14.58 13.02 14.09
C LEU B 63 13.08 13.18 14.00
N ARG B 64 12.65 14.25 13.31
CA ARG B 64 11.22 14.48 13.06
C ARG B 64 10.95 14.65 11.56
N VAL B 65 9.78 14.20 11.13
CA VAL B 65 9.29 14.53 9.79
C VAL B 65 8.19 15.55 9.99
N ILE B 66 8.25 16.65 9.24
CA ILE B 66 7.24 17.69 9.29
C ILE B 66 6.41 17.71 8.00
N ASN B 67 5.14 17.37 8.16
CA ASN B 67 4.19 17.36 7.06
C ASN B 67 3.55 18.75 6.92
N ILE B 68 3.93 19.45 5.86
CA ILE B 68 3.50 20.83 5.61
C ILE B 68 2.30 20.83 4.66
N ALA B 69 1.18 21.34 5.14
CA ALA B 69 -0.01 21.49 4.32
C ALA B 69 0.25 22.49 3.19
N ALA B 70 0.20 22.01 1.94
CA ALA B 70 0.38 22.90 0.79
C ALA B 70 -0.30 22.31 -0.45
N GLY B 71 -1.54 22.73 -0.69
CA GLY B 71 -2.32 22.16 -1.77
C GLY B 71 -2.94 20.87 -1.30
N PRO B 72 -3.73 20.22 -2.17
CA PRO B 72 -4.49 19.05 -1.76
C PRO B 72 -3.61 17.82 -1.55
N TYR B 73 -4.09 16.92 -0.71
CA TYR B 73 -3.44 15.65 -0.43
C TYR B 73 -3.46 14.71 -1.62
N GLU B 74 -4.39 14.92 -2.55
CA GLU B 74 -4.53 14.07 -3.72
C GLU B 74 -4.73 14.93 -4.97
N GLY B 75 -4.28 14.42 -6.11
CA GLY B 75 -4.63 15.01 -7.42
C GLY B 75 -3.63 16.02 -7.97
N LEU B 76 -2.47 16.08 -7.34
CA LEU B 76 -1.40 16.96 -7.79
C LEU B 76 -0.18 16.09 -8.01
N SER B 77 0.09 15.76 -9.27
CA SER B 77 1.26 14.96 -9.58
C SER B 77 2.55 15.78 -9.47
N LYS B 78 3.67 15.05 -9.38
CA LYS B 78 5.00 15.65 -9.36
C LYS B 78 5.20 16.80 -10.35
N GLU B 79 4.73 16.66 -11.60
CA GLU B 79 5.01 17.69 -12.62
C GLU B 79 4.22 18.96 -12.42
N GLU B 80 3.18 18.89 -11.60
CA GLU B 80 2.31 20.03 -11.31
C GLU B 80 2.67 20.72 -9.98
N LEU B 81 3.47 20.04 -9.15
CA LEU B 81 3.89 20.60 -7.85
C LEU B 81 4.67 21.92 -7.86
N PRO B 82 5.38 22.28 -8.97
CA PRO B 82 5.96 23.63 -8.95
C PRO B 82 4.96 24.70 -8.53
N THR B 83 3.67 24.50 -8.85
CA THR B 83 2.65 25.50 -8.55
C THR B 83 2.45 25.67 -7.05
N GLN B 84 2.91 24.70 -6.27
CA GLN B 84 2.87 24.79 -4.81
C GLN B 84 4.17 25.26 -4.15
N LEU B 85 5.15 25.71 -4.95
CA LEU B 85 6.44 26.14 -4.38
C LEU B 85 6.31 27.24 -3.32
N ALA B 86 5.48 28.25 -3.57
CA ALA B 86 5.33 29.34 -2.63
C ALA B 86 4.54 28.85 -1.42
N ALA B 87 3.44 28.14 -1.65
CA ALA B 87 2.57 27.70 -0.56
C ALA B 87 3.35 26.79 0.36
N PHE B 88 4.17 25.91 -0.22
CA PHE B 88 4.99 25.03 0.59
C PHE B 88 6.03 25.81 1.38
N THR B 89 6.67 26.80 0.75
CA THR B 89 7.65 27.63 1.46
C THR B 89 6.97 28.40 2.60
N GLY B 90 5.79 28.96 2.29
CA GLY B 90 5.03 29.72 3.29
C GLY B 90 4.62 28.83 4.44
N GLY B 91 4.19 27.61 4.11
CA GLY B 91 3.90 26.57 5.11
C GLY B 91 5.07 26.33 6.04
N MET B 92 6.28 26.26 5.50
CA MET B 92 7.48 26.06 6.31
C MET B 92 7.74 27.28 7.20
N LEU B 93 7.62 28.46 6.61
CA LEU B 93 7.69 29.72 7.36
C LEU B 93 6.68 29.81 8.50
N SER B 94 5.41 29.48 8.25
CA SER B 94 4.40 29.48 9.33
C SER B 94 4.76 28.49 10.42
N PHE B 95 5.21 27.29 10.02
CA PHE B 95 5.54 26.28 10.98
C PHE B 95 6.72 26.70 11.86
N THR B 96 7.75 27.28 11.26
CA THR B 96 8.94 27.67 12.05
C THR B 96 8.65 28.86 12.95
N ARG B 97 7.69 29.71 12.55
CA ARG B 97 7.19 30.78 13.41
C ARG B 97 6.41 30.24 14.60
N ARG B 98 5.40 29.41 14.34
CA ARG B 98 4.61 28.78 15.41
C ARG B 98 5.50 28.03 16.39
N GLU B 99 6.41 27.22 15.87
CA GLU B 99 7.19 26.35 16.73
C GLU B 99 8.41 27.02 17.36
N LYS B 100 8.66 28.28 16.98
CA LYS B 100 9.84 29.02 17.46
C LYS B 100 11.13 28.21 17.27
N VAL B 101 11.27 27.56 16.11
CA VAL B 101 12.44 26.75 15.80
C VAL B 101 13.37 27.43 14.80
N THR B 102 14.67 27.41 15.08
CA THR B 102 15.69 27.96 14.16
C THR B 102 16.68 26.90 13.74
N TYR B 103 17.15 26.99 12.50
CA TYR B 103 18.09 26.01 11.96
C TYR B 103 19.47 26.59 11.77
N ASP B 104 20.46 25.71 11.78
CA ASP B 104 21.84 26.10 11.55
C ASP B 104 22.19 25.95 10.07
N LEU B 105 21.46 25.07 9.40
CA LEU B 105 21.77 24.69 8.03
C LEU B 105 20.57 24.00 7.37
N ILE B 106 20.46 24.18 6.05
CA ILE B 106 19.47 23.49 5.24
C ILE B 106 20.14 22.47 4.31
N HIS B 107 19.58 21.27 4.23
CA HIS B 107 20.00 20.33 3.22
C HIS B 107 18.80 19.96 2.36
N SER B 108 18.77 20.45 1.11
CA SER B 108 17.65 20.20 0.20
C SER B 108 17.92 19.04 -0.74
N HIS B 109 16.85 18.37 -1.14
CA HIS B 109 16.95 17.20 -2.01
C HIS B 109 16.03 17.38 -3.20
N TYR B 110 16.57 17.29 -4.40
CA TYR B 110 15.80 17.43 -5.65
C TYR B 110 15.48 18.91 -5.94
N TRP B 111 15.34 19.25 -7.22
CA TRP B 111 15.27 20.66 -7.60
C TRP B 111 14.17 21.48 -6.89
N LEU B 112 12.98 20.90 -6.77
CA LEU B 112 11.87 21.57 -6.08
C LEU B 112 12.30 22.01 -4.69
N SER B 113 12.88 21.08 -3.92
CA SER B 113 13.26 21.41 -2.57
C SER B 113 14.36 22.46 -2.56
N GLY B 114 15.25 22.39 -3.55
CA GLY B 114 16.33 23.35 -3.65
C GLY B 114 15.87 24.79 -3.86
N GLN B 115 14.88 24.95 -4.74
CA GLN B 115 14.28 26.26 -4.98
C GLN B 115 13.72 26.81 -3.68
N VAL B 116 13.10 25.95 -2.90
CA VAL B 116 12.63 26.30 -1.58
C VAL B 116 13.79 26.68 -0.66
N GLY B 117 14.76 25.76 -0.53
CA GLY B 117 15.95 25.96 0.32
C GLY B 117 16.70 27.23 -0.01
N TRP B 118 16.74 27.55 -1.31
CA TRP B 118 17.43 28.73 -1.78
C TRP B 118 16.83 30.00 -1.18
N LEU B 119 15.50 30.08 -1.17
CA LEU B 119 14.77 31.20 -0.59
C LEU B 119 15.02 31.31 0.92
N LEU B 120 14.84 30.19 1.62
CA LEU B 120 14.97 30.17 3.07
C LEU B 120 16.38 30.51 3.54
N ARG B 121 17.38 30.00 2.83
CA ARG B 121 18.75 30.20 3.26
C ARG B 121 19.13 31.69 3.20
N ASP B 122 18.66 32.39 2.18
CA ASP B 122 18.85 33.84 2.13
C ASP B 122 18.07 34.53 3.24
N LEU B 123 16.82 34.12 3.45
CA LEU B 123 16.01 34.72 4.51
C LEU B 123 16.62 34.44 5.87
N TRP B 124 16.88 33.17 6.16
CA TRP B 124 17.43 32.78 7.47
C TRP B 124 18.92 33.05 7.64
N ARG B 125 19.63 33.29 6.54
CA ARG B 125 21.07 33.58 6.55
C ARG B 125 21.89 32.38 7.09
N ILE B 126 21.63 31.21 6.51
CA ILE B 126 22.33 29.98 6.89
C ILE B 126 22.73 29.25 5.60
N PRO B 127 23.72 28.34 5.66
CA PRO B 127 24.15 27.70 4.41
C PRO B 127 23.11 26.73 3.82
N LEU B 128 23.09 26.66 2.49
CA LEU B 128 22.30 25.65 1.80
C LEU B 128 23.20 24.59 1.18
N ILE B 129 22.94 23.34 1.55
CA ILE B 129 23.55 22.17 0.94
C ILE B 129 22.50 21.53 0.04
N HIS B 130 22.82 21.36 -1.24
CA HIS B 130 21.87 20.78 -2.16
C HIS B 130 22.34 19.50 -2.83
N THR B 131 21.48 18.48 -2.79
CA THR B 131 21.70 17.23 -3.50
C THR B 131 20.60 17.06 -4.55
N ALA B 132 21.01 16.93 -5.81
CA ALA B 132 20.06 16.90 -6.93
C ALA B 132 19.39 15.54 -7.13
N HIS B 133 20.12 14.46 -6.84
CA HIS B 133 19.68 13.06 -7.07
C HIS B 133 19.52 12.67 -8.55
N THR B 134 18.65 13.36 -9.28
CA THR B 134 18.63 13.25 -10.74
C THR B 134 18.62 14.66 -11.33
N LEU B 135 18.93 14.74 -12.62
CA LEU B 135 19.06 16.00 -13.32
C LEU B 135 18.42 15.91 -14.70
N ALA B 136 17.70 16.95 -15.09
CA ALA B 136 17.16 17.04 -16.44
C ALA B 136 18.25 16.83 -17.48
N ALA B 137 19.31 17.64 -17.46
CA ALA B 137 20.37 17.59 -18.47
C ALA B 137 21.02 16.20 -18.65
N VAL B 138 21.16 15.46 -17.55
CA VAL B 138 21.54 14.03 -17.58
C VAL B 138 20.29 13.15 -17.67
N SER B 146 13.89 13.48 -24.04
CA SER B 146 13.01 14.61 -24.38
C SER B 146 13.61 16.01 -24.07
N ASP B 147 13.26 17.00 -24.89
CA ASP B 147 13.44 18.42 -24.53
C ASP B 147 12.06 19.10 -24.64
N THR B 148 11.37 19.11 -23.51
CA THR B 148 10.04 19.65 -23.43
C THR B 148 10.11 20.97 -22.63
N PRO B 149 9.12 21.86 -22.78
CA PRO B 149 9.14 23.08 -21.95
C PRO B 149 9.36 22.82 -20.46
N GLU B 150 8.77 21.76 -19.93
CA GLU B 150 8.87 21.42 -18.50
C GLU B 150 10.25 20.88 -18.13
N SER B 151 10.83 20.10 -19.05
CA SER B 151 12.20 19.64 -18.90
C SER B 151 13.17 20.82 -18.89
N GLU B 152 12.97 21.76 -19.84
CA GLU B 152 13.74 22.99 -19.87
C GLU B 152 13.59 23.83 -18.61
N ALA B 153 12.38 23.94 -18.09
CA ALA B 153 12.12 24.75 -16.88
C ALA B 153 12.82 24.14 -15.68
N ARG B 154 12.81 22.81 -15.64
CA ARG B 154 13.53 22.06 -14.65
C ARG B 154 15.05 22.31 -14.72
N ARG B 155 15.68 22.13 -15.90
CA ARG B 155 17.13 22.38 -15.89
C ARG B 155 17.50 23.83 -15.57
N ILE B 156 16.62 24.77 -15.96
CA ILE B 156 16.87 26.17 -15.62
C ILE B 156 16.92 26.33 -14.09
N CYS B 157 16.01 25.65 -13.37
CA CYS B 157 16.02 25.66 -11.91
C CYS B 157 17.22 24.92 -11.36
N GLU B 158 17.57 23.83 -12.01
CA GLU B 158 18.74 23.07 -11.60
C GLU B 158 20.00 23.94 -11.74
N GLN B 159 20.07 24.67 -12.85
CA GLN B 159 21.14 25.61 -13.11
C GLN B 159 21.23 26.66 -12.03
N GLN B 160 20.08 27.15 -11.57
CA GLN B 160 20.03 28.20 -10.57
C GLN B 160 20.63 27.71 -9.25
N LEU B 161 20.31 26.47 -8.90
CA LEU B 161 20.82 25.85 -7.68
C LEU B 161 22.32 25.57 -7.81
N VAL B 162 22.74 25.06 -8.96
CA VAL B 162 24.17 24.83 -9.23
C VAL B 162 24.94 26.13 -8.95
N ASP B 163 24.32 27.26 -9.28
CA ASP B 163 24.93 28.60 -9.19
C ASP B 163 24.82 29.29 -7.83
N ASN B 164 23.92 28.84 -6.95
CA ASN B 164 23.61 29.58 -5.72
C ASN B 164 23.76 28.75 -4.45
N ALA B 165 23.64 27.44 -4.57
CA ALA B 165 23.84 26.57 -3.42
C ALA B 165 25.27 26.74 -2.92
N ASP B 166 25.40 26.72 -1.58
CA ASP B 166 26.71 26.83 -0.93
C ASP B 166 27.57 25.60 -1.18
N VAL B 167 26.99 24.42 -1.00
CA VAL B 167 27.67 23.17 -1.33
C VAL B 167 26.74 22.30 -2.15
N LEU B 168 27.29 21.73 -3.22
CA LEU B 168 26.56 20.78 -4.04
C LEU B 168 27.05 19.41 -3.66
N ALA B 169 26.25 18.65 -2.94
CA ALA B 169 26.62 17.28 -2.58
C ALA B 169 26.18 16.32 -3.66
N VAL B 170 27.16 15.66 -4.29
CA VAL B 170 26.88 14.66 -5.32
C VAL B 170 27.31 13.26 -4.85
N ASN B 171 26.83 12.23 -5.54
CA ASN B 171 27.01 10.84 -5.11
C ASN B 171 28.27 10.17 -5.64
N THR B 172 28.69 10.53 -6.84
CA THR B 172 29.90 9.97 -7.44
C THR B 172 30.71 11.05 -8.16
N GLN B 173 31.98 10.73 -8.47
CA GLN B 173 32.84 11.58 -9.30
C GLN B 173 32.16 11.82 -10.63
N GLU B 174 31.49 10.79 -11.13
CA GLU B 174 30.81 10.85 -12.42
C GLU B 174 29.72 11.93 -12.39
N GLU B 175 29.02 12.04 -11.25
CA GLU B 175 28.02 13.07 -11.05
C GLU B 175 28.65 14.47 -10.92
N MET B 176 29.82 14.56 -10.29
CA MET B 176 30.59 15.82 -10.25
C MET B 176 30.92 16.30 -11.67
N GLN B 177 31.33 15.38 -12.53
CA GLN B 177 31.66 15.71 -13.92
C GLN B 177 30.42 16.16 -14.66
N ASP B 178 29.31 15.46 -14.43
CA ASP B 178 28.01 15.82 -15.00
C ASP B 178 27.64 17.26 -14.67
N LEU B 179 27.83 17.64 -13.42
CA LEU B 179 27.55 18.99 -12.95
C LEU B 179 28.47 20.03 -13.60
N MET B 180 29.75 19.67 -13.76
CA MET B 180 30.74 20.56 -14.36
C MET B 180 30.50 20.76 -15.86
N HIS B 181 30.08 19.70 -16.56
CA HIS B 181 29.91 19.76 -18.00
C HIS B 181 28.53 20.26 -18.41
N HIS B 182 27.48 19.73 -17.79
CA HIS B 182 26.12 20.09 -18.16
C HIS B 182 25.64 21.43 -17.57
N TYR B 183 26.26 21.85 -16.47
CA TYR B 183 25.78 22.98 -15.69
C TYR B 183 26.83 24.04 -15.32
N ASP B 184 28.06 23.88 -15.80
CA ASP B 184 29.09 24.88 -15.55
C ASP B 184 29.33 25.11 -14.06
N ALA B 185 29.23 24.04 -13.28
CA ALA B 185 29.42 24.12 -11.82
C ALA B 185 30.85 24.46 -11.42
N ASP B 186 30.97 25.28 -10.39
CA ASP B 186 32.25 25.56 -9.78
C ASP B 186 32.69 24.31 -9.02
N PRO B 187 33.82 23.68 -9.45
CA PRO B 187 34.27 22.44 -8.81
C PRO B 187 34.57 22.63 -7.33
N ASP B 188 34.88 23.86 -6.94
CA ASP B 188 35.15 24.15 -5.53
C ASP B 188 33.91 24.08 -4.63
N ARG B 189 32.72 24.15 -5.23
CA ARG B 189 31.48 24.08 -4.45
C ARG B 189 30.89 22.67 -4.48
N ILE B 190 31.51 21.77 -5.23
CA ILE B 190 31.06 20.38 -5.29
C ILE B 190 31.86 19.52 -4.31
N SER B 191 31.16 18.65 -3.59
CA SER B 191 31.86 17.60 -2.87
C SER B 191 31.13 16.27 -2.97
N VAL B 192 31.92 15.21 -3.15
CA VAL B 192 31.39 13.88 -3.39
C VAL B 192 31.08 13.19 -2.07
N VAL B 193 29.81 12.87 -1.88
CA VAL B 193 29.35 12.15 -0.70
C VAL B 193 28.77 10.82 -1.22
N SER B 194 29.54 9.75 -1.06
CA SER B 194 29.10 8.42 -1.51
C SER B 194 28.00 7.89 -0.60
N PRO B 195 26.92 7.36 -1.22
CA PRO B 195 25.77 6.88 -0.48
C PRO B 195 26.09 5.55 0.12
N GLY B 196 25.12 4.97 0.81
CA GLY B 196 25.34 3.73 1.52
C GLY B 196 24.28 2.69 1.31
N ALA B 197 24.37 1.65 2.12
CA ALA B 197 23.36 0.64 2.19
C ALA B 197 23.40 0.20 3.64
N ASP B 198 22.26 -0.20 4.18
CA ASP B 198 22.21 -0.73 5.51
C ASP B 198 22.79 -2.14 5.44
N VAL B 199 24.08 -2.21 5.77
CA VAL B 199 24.92 -3.34 5.50
C VAL B 199 24.75 -4.47 6.55
N GLU B 200 24.17 -4.12 7.69
CA GLU B 200 23.75 -5.11 8.70
C GLU B 200 22.42 -5.77 8.32
N LEU B 201 21.45 -4.98 7.91
CA LEU B 201 20.16 -5.52 7.50
C LEU B 201 20.28 -6.32 6.20
N TYR B 202 20.80 -5.69 5.16
CA TYR B 202 21.10 -6.41 3.94
C TYR B 202 22.41 -7.16 4.14
N SER B 203 22.28 -8.46 4.36
CA SER B 203 23.38 -9.34 4.65
C SER B 203 22.94 -10.72 4.19
N PRO B 204 23.89 -11.62 3.91
CA PRO B 204 23.53 -12.85 3.23
C PRO B 204 22.86 -14.06 3.91
N GLY B 205 23.20 -14.43 5.13
CA GLY B 205 22.75 -13.72 6.43
C GLY B 205 22.69 -15.06 7.25
N ASN B 206 23.53 -16.03 6.83
CA ASN B 206 23.55 -17.42 7.38
C ASN B 206 23.53 -18.45 6.21
N ASP B 207 24.15 -19.62 6.44
CA ASP B 207 24.32 -20.62 5.34
C ASP B 207 23.02 -21.31 4.85
N ARG B 208 21.96 -21.30 5.67
CA ARG B 208 20.66 -21.82 5.26
C ARG B 208 19.65 -20.69 4.95
N ALA B 209 20.12 -19.43 4.96
CA ALA B 209 19.28 -18.25 4.87
C ALA B 209 18.65 -18.06 3.50
N THR B 210 19.36 -18.42 2.44
CA THR B 210 18.77 -18.34 1.11
C THR B 210 17.53 -19.24 0.98
N GLU B 211 17.60 -20.42 1.60
CA GLU B 211 16.56 -21.39 1.47
C GLU B 211 15.39 -21.06 2.38
N ARG B 212 15.67 -20.45 3.52
CA ARG B 212 14.64 -19.98 4.42
C ARG B 212 13.82 -18.87 3.73
N SER B 213 14.50 -18.02 2.96
CA SER B 213 13.84 -16.94 2.24
C SER B 213 12.97 -17.45 1.10
N ARG B 214 13.40 -18.52 0.44
CA ARG B 214 12.59 -19.08 -0.62
C ARG B 214 11.33 -19.74 -0.08
N ARG B 215 11.45 -20.39 1.09
CA ARG B 215 10.30 -20.99 1.75
C ARG B 215 9.28 -19.89 2.05
N GLU B 216 9.78 -18.77 2.58
CA GLU B 216 8.97 -17.65 3.02
C GLU B 216 8.24 -16.93 1.89
N LEU B 217 8.79 -16.99 0.68
CA LEU B 217 8.22 -16.34 -0.48
C LEU B 217 7.58 -17.35 -1.44
N GLY B 218 7.48 -18.60 -0.98
CA GLY B 218 6.93 -19.66 -1.79
C GLY B 218 7.60 -19.87 -3.13
N ILE B 219 8.91 -19.63 -3.19
CA ILE B 219 9.72 -19.88 -4.39
C ILE B 219 10.29 -21.32 -4.34
N PRO B 220 10.24 -22.05 -5.47
CA PRO B 220 10.78 -23.42 -5.42
C PRO B 220 12.26 -23.41 -5.04
N LEU B 221 12.70 -24.43 -4.33
CA LEU B 221 14.07 -24.50 -3.85
C LEU B 221 15.10 -24.81 -4.95
N HIS B 222 14.73 -25.67 -5.91
CA HIS B 222 15.62 -26.07 -7.00
C HIS B 222 15.87 -25.01 -8.10
N THR B 223 14.91 -24.14 -8.36
CA THR B 223 15.04 -23.21 -9.47
C THR B 223 16.16 -22.19 -9.27
N LYS B 224 16.63 -21.57 -10.36
CA LYS B 224 17.48 -20.38 -10.28
C LYS B 224 16.57 -19.15 -10.34
N VAL B 225 16.94 -18.09 -9.62
CA VAL B 225 16.07 -16.93 -9.52
C VAL B 225 16.79 -15.65 -9.90
N VAL B 226 16.16 -14.86 -10.77
CA VAL B 226 16.58 -13.49 -11.05
C VAL B 226 15.57 -12.50 -10.46
N ALA B 227 16.08 -11.48 -9.77
CA ALA B 227 15.21 -10.48 -9.19
C ALA B 227 15.44 -9.11 -9.80
N PHE B 228 14.34 -8.35 -9.92
CA PHE B 228 14.38 -6.93 -10.15
C PHE B 228 13.73 -6.31 -8.93
N VAL B 229 14.35 -5.26 -8.40
CA VAL B 229 13.83 -4.56 -7.26
C VAL B 229 13.77 -3.07 -7.60
N GLY B 230 12.61 -2.44 -7.42
CA GLY B 230 12.53 -0.99 -7.57
C GLY B 230 11.30 -0.52 -8.29
N ARG B 231 11.21 0.80 -8.46
CA ARG B 231 10.10 1.42 -9.16
C ARG B 231 10.01 0.83 -10.55
N LEU B 232 8.79 0.48 -10.95
CA LEU B 232 8.54 0.00 -12.31
C LEU B 232 8.18 1.16 -13.23
N GLN B 233 9.18 1.74 -13.89
CA GLN B 233 8.94 2.77 -14.88
C GLN B 233 9.96 2.47 -15.98
N PRO B 234 9.63 2.76 -17.25
CA PRO B 234 10.50 2.50 -18.40
C PRO B 234 12.01 2.82 -18.21
N PHE B 235 12.31 3.99 -17.65
CA PHE B 235 13.70 4.42 -17.44
C PHE B 235 14.48 3.47 -16.50
N LYS B 236 13.76 2.70 -15.70
CA LYS B 236 14.35 1.72 -14.79
C LYS B 236 14.47 0.35 -15.45
N GLY B 237 14.04 0.26 -16.70
CA GLY B 237 14.15 -0.94 -17.52
C GLY B 237 13.69 -2.31 -17.06
N PRO B 238 12.56 -2.42 -16.32
CA PRO B 238 12.13 -3.79 -16.03
C PRO B 238 11.75 -4.53 -17.32
N GLN B 239 11.41 -3.77 -18.36
CA GLN B 239 10.98 -4.33 -19.63
C GLN B 239 12.14 -5.05 -20.31
N VAL B 240 13.36 -4.56 -20.05
CA VAL B 240 14.57 -5.17 -20.58
C VAL B 240 14.74 -6.56 -20.00
N LEU B 241 14.57 -6.67 -18.68
CA LEU B 241 14.69 -7.95 -18.01
C LEU B 241 13.68 -8.95 -18.57
N ILE B 242 12.41 -8.53 -18.66
CA ILE B 242 11.35 -9.37 -19.22
C ILE B 242 11.66 -9.82 -20.66
N LYS B 243 12.00 -8.89 -21.54
CA LYS B 243 12.40 -9.23 -22.91
C LYS B 243 13.57 -10.25 -22.91
N ALA B 244 14.63 -9.95 -22.14
CA ALA B 244 15.81 -10.83 -22.03
C ALA B 244 15.42 -12.22 -21.56
N VAL B 245 14.51 -12.26 -20.58
CA VAL B 245 13.98 -13.50 -20.07
C VAL B 245 13.27 -14.25 -21.19
N ALA B 246 12.39 -13.56 -21.91
CA ALA B 246 11.72 -14.14 -23.06
C ALA B 246 12.76 -14.75 -24.00
N ALA B 247 13.86 -14.02 -24.24
CA ALA B 247 14.93 -14.49 -25.13
C ALA B 247 15.59 -15.76 -24.61
N LEU B 248 15.81 -15.83 -23.29
CA LEU B 248 16.34 -17.04 -22.65
C LEU B 248 15.47 -18.26 -22.89
N PHE B 249 14.15 -18.09 -22.78
CA PHE B 249 13.22 -19.20 -23.01
C PHE B 249 13.01 -19.55 -24.49
N ASP B 250 13.31 -18.63 -25.39
CA ASP B 250 13.39 -18.98 -26.81
C ASP B 250 14.58 -19.91 -27.08
N ARG B 251 15.73 -19.59 -26.49
CA ARG B 251 16.95 -20.39 -26.65
C ARG B 251 16.78 -21.76 -26.01
N ASP B 252 16.20 -21.79 -24.82
CA ASP B 252 15.95 -23.03 -24.10
C ASP B 252 14.62 -22.97 -23.33
N PRO B 253 13.57 -23.61 -23.87
CA PRO B 253 12.19 -23.54 -23.34
C PRO B 253 12.05 -24.07 -21.93
N ASP B 254 12.89 -25.03 -21.56
CA ASP B 254 12.83 -25.55 -20.20
C ASP B 254 14.12 -25.30 -19.39
N ARG B 255 14.66 -24.10 -19.54
CA ARG B 255 15.64 -23.57 -18.62
C ARG B 255 15.01 -23.45 -17.24
N ASN B 256 15.78 -23.84 -16.21
CA ASN B 256 15.36 -23.78 -14.84
C ASN B 256 15.56 -22.37 -14.27
N LEU B 257 14.59 -21.50 -14.57
CA LEU B 257 14.67 -20.08 -14.25
C LEU B 257 13.29 -19.59 -13.84
N ARG B 258 13.28 -18.81 -12.77
CA ARG B 258 12.11 -18.03 -12.39
C ARG B 258 12.52 -16.61 -12.05
N VAL B 259 11.58 -15.68 -12.16
CA VAL B 259 11.85 -14.26 -11.96
C VAL B 259 10.91 -13.64 -10.92
N ILE B 260 11.46 -12.69 -10.18
CA ILE B 260 10.77 -11.97 -9.13
C ILE B 260 10.93 -10.50 -9.48
N ILE B 261 9.80 -9.80 -9.56
CA ILE B 261 9.83 -8.36 -9.85
C ILE B 261 9.13 -7.67 -8.68
N CYS B 262 9.92 -6.98 -7.87
CA CYS B 262 9.45 -6.41 -6.63
C CYS B 262 9.46 -4.90 -6.75
N GLY B 263 8.27 -4.33 -6.88
CA GLY B 263 8.10 -2.88 -6.97
C GLY B 263 6.70 -2.56 -7.44
N GLY B 264 6.42 -1.29 -7.68
CA GLY B 264 5.11 -0.86 -8.17
C GLY B 264 5.26 0.26 -9.19
N PRO B 265 4.15 0.62 -9.86
CA PRO B 265 4.23 1.47 -11.07
C PRO B 265 4.64 2.93 -10.80
N TYR B 275 3.48 -4.28 -16.87
CA TYR B 275 4.52 -5.29 -17.09
C TYR B 275 4.02 -6.72 -16.99
N ARG B 276 2.98 -6.95 -16.17
CA ARG B 276 2.31 -8.24 -16.14
C ARG B 276 1.82 -8.54 -17.55
N HIS B 277 1.22 -7.52 -18.17
CA HIS B 277 0.71 -7.60 -19.52
C HIS B 277 1.80 -7.90 -20.55
N MET B 278 2.90 -7.16 -20.46
CA MET B 278 4.04 -7.38 -21.35
C MET B 278 4.61 -8.81 -21.25
N ALA B 279 4.62 -9.34 -20.03
CA ALA B 279 5.03 -10.72 -19.78
C ALA B 279 4.18 -11.72 -20.58
N GLU B 280 2.86 -11.68 -20.40
CA GLU B 280 1.96 -12.61 -21.13
C GLU B 280 2.00 -12.44 -22.63
N GLU B 281 2.14 -11.20 -23.07
CA GLU B 281 2.35 -10.90 -24.48
C GLU B 281 3.49 -11.73 -25.05
N LEU B 282 4.55 -11.88 -24.25
CA LEU B 282 5.75 -12.63 -24.65
C LEU B 282 5.74 -14.12 -24.25
N GLY B 283 4.70 -14.52 -23.51
CA GLY B 283 4.54 -15.92 -23.09
C GLY B 283 5.49 -16.40 -22.02
N VAL B 284 5.91 -15.50 -21.13
CA VAL B 284 6.77 -15.87 -20.00
C VAL B 284 6.13 -15.53 -18.66
N GLU B 285 4.83 -15.22 -18.69
CA GLU B 285 4.03 -14.85 -17.51
C GLU B 285 4.12 -15.85 -16.39
N LYS B 286 4.11 -17.14 -16.72
CA LYS B 286 4.18 -18.20 -15.71
C LYS B 286 5.53 -18.33 -15.01
N ARG B 287 6.57 -17.69 -15.55
CA ARG B 287 7.91 -17.79 -14.97
C ARG B 287 8.26 -16.51 -14.20
N ILE B 288 7.34 -15.55 -14.19
CA ILE B 288 7.58 -14.26 -13.54
C ILE B 288 6.53 -13.99 -12.46
N ARG B 289 6.99 -13.58 -11.28
CA ARG B 289 6.08 -13.13 -10.23
C ARG B 289 6.32 -11.65 -9.89
N PHE B 290 5.22 -10.94 -9.70
CA PHE B 290 5.24 -9.56 -9.31
C PHE B 290 4.91 -9.48 -7.84
N LEU B 291 5.78 -8.84 -7.08
CA LEU B 291 5.58 -8.70 -5.66
C LEU B 291 5.38 -7.22 -5.35
N ASP B 292 4.38 -6.94 -4.52
CA ASP B 292 4.19 -5.61 -3.98
C ASP B 292 5.47 -5.14 -3.30
N PRO B 293 5.73 -3.82 -3.34
CA PRO B 293 6.90 -3.30 -2.62
C PRO B 293 6.74 -3.50 -1.11
N ARG B 294 7.85 -3.59 -0.40
CA ARG B 294 7.84 -3.99 1.00
C ARG B 294 8.97 -3.29 1.75
N PRO B 295 8.85 -3.19 3.09
CA PRO B 295 9.87 -2.57 3.93
C PRO B 295 11.19 -3.34 3.85
N PRO B 296 12.31 -2.63 4.07
CA PRO B 296 13.64 -3.23 4.03
C PRO B 296 13.67 -4.55 4.78
N SER B 297 13.04 -4.61 5.93
CA SER B 297 13.13 -5.83 6.73
C SER B 297 12.54 -7.05 6.00
N GLU B 298 11.63 -6.82 5.08
CA GLU B 298 11.04 -7.92 4.32
C GLU B 298 11.73 -8.04 2.96
N LEU B 299 12.28 -6.94 2.48
CA LEU B 299 13.01 -6.95 1.21
C LEU B 299 14.26 -7.85 1.26
N VAL B 300 14.89 -7.98 2.43
CA VAL B 300 16.09 -8.82 2.50
C VAL B 300 15.83 -10.21 1.91
N ALA B 301 14.65 -10.73 2.19
CA ALA B 301 14.29 -12.07 1.78
C ALA B 301 14.38 -12.16 0.25
N VAL B 302 13.87 -11.14 -0.44
CA VAL B 302 13.93 -11.10 -1.90
C VAL B 302 15.38 -11.17 -2.39
N TYR B 303 16.24 -10.36 -1.78
CA TYR B 303 17.64 -10.32 -2.13
C TYR B 303 18.31 -11.67 -1.84
N ARG B 304 18.10 -12.22 -0.65
CA ARG B 304 18.73 -13.49 -0.27
C ARG B 304 18.22 -14.62 -1.14
N ALA B 305 16.94 -14.59 -1.51
CA ALA B 305 16.35 -15.65 -2.33
C ALA B 305 16.92 -15.71 -3.74
N ALA B 306 17.28 -14.55 -4.28
CA ALA B 306 17.73 -14.45 -5.65
C ALA B 306 19.16 -14.97 -5.89
N ASP B 307 19.41 -15.51 -7.08
CA ASP B 307 20.75 -15.89 -7.47
C ASP B 307 21.48 -14.70 -8.11
N ILE B 308 20.69 -13.80 -8.70
CA ILE B 308 21.20 -12.66 -9.44
C ILE B 308 20.15 -11.57 -9.29
N VAL B 309 20.60 -10.33 -9.08
CA VAL B 309 19.72 -9.17 -9.16
C VAL B 309 20.07 -8.39 -10.44
N ALA B 310 19.09 -8.25 -11.33
CA ALA B 310 19.28 -7.56 -12.60
C ALA B 310 18.83 -6.11 -12.49
N VAL B 311 19.72 -5.16 -12.75
CA VAL B 311 19.34 -3.75 -12.73
C VAL B 311 19.67 -3.01 -14.03
N PRO B 312 18.75 -3.09 -15.01
CA PRO B 312 18.92 -2.54 -16.34
C PRO B 312 18.44 -1.11 -16.47
N SER B 313 18.89 -0.24 -15.56
CA SER B 313 18.51 1.16 -15.56
C SER B 313 18.98 1.91 -16.81
N PHE B 314 18.22 2.92 -17.23
CA PHE B 314 18.64 3.78 -18.31
C PHE B 314 19.32 5.02 -17.74
N ASN B 315 18.73 5.55 -16.67
CA ASN B 315 19.30 6.66 -15.91
C ASN B 315 19.44 6.16 -14.49
N GLU B 316 20.55 6.52 -13.84
CA GLU B 316 20.77 6.09 -12.46
C GLU B 316 21.75 6.95 -11.66
N SER B 317 21.23 7.71 -10.66
CA SER B 317 22.03 8.11 -9.46
C SER B 317 23.17 7.08 -9.54
N PHE B 318 23.05 5.86 -8.95
CA PHE B 318 24.13 5.63 -7.76
C PHE B 318 24.24 4.03 -7.80
N GLY B 319 23.61 3.38 -6.62
CA GLY B 319 21.75 3.55 -6.86
C GLY B 319 21.64 2.04 -6.36
N LEU B 320 20.70 1.68 -5.44
CA LEU B 320 21.05 1.58 -4.04
C LEU B 320 20.68 0.12 -4.01
N VAL B 321 19.81 -0.26 -4.95
CA VAL B 321 19.38 -1.63 -5.15
C VAL B 321 20.59 -2.51 -5.45
N ALA B 322 21.49 -2.00 -6.28
CA ALA B 322 22.75 -2.67 -6.57
C ALA B 322 23.55 -2.86 -5.28
N MET B 323 23.73 -1.80 -4.49
CA MET B 323 24.45 -1.93 -3.22
C MET B 323 23.78 -2.93 -2.27
N GLU B 324 22.46 -2.80 -2.09
CA GLU B 324 21.73 -3.64 -1.14
C GLU B 324 21.78 -5.10 -1.54
N ALA B 325 21.63 -5.37 -2.84
CA ALA B 325 21.82 -6.72 -3.38
C ALA B 325 23.23 -7.28 -3.06
N GLN B 326 24.28 -6.47 -3.24
CA GLN B 326 25.66 -6.89 -2.97
C GLN B 326 25.84 -7.19 -1.49
N ALA B 327 25.31 -6.30 -0.64
CA ALA B 327 25.47 -6.43 0.80
C ALA B 327 24.86 -7.73 1.26
N SER B 328 23.84 -8.16 0.53
CA SER B 328 23.10 -9.38 0.79
C SER B 328 23.77 -10.63 0.26
N GLY B 329 24.90 -10.44 -0.41
CA GLY B 329 25.63 -11.55 -1.02
C GLY B 329 25.05 -12.01 -2.34
N THR B 330 24.52 -11.10 -3.14
CA THR B 330 23.91 -11.49 -4.41
C THR B 330 24.56 -10.72 -5.53
N PRO B 331 25.14 -11.42 -6.51
CA PRO B 331 25.75 -10.67 -7.59
C PRO B 331 24.71 -9.89 -8.39
N VAL B 332 25.15 -8.78 -8.98
CA VAL B 332 24.31 -7.92 -9.76
C VAL B 332 24.79 -7.86 -11.20
N ILE B 333 23.83 -7.91 -12.14
CA ILE B 333 24.11 -7.59 -13.53
C ILE B 333 23.44 -6.24 -13.77
N ALA B 334 24.26 -5.20 -13.94
CA ALA B 334 23.79 -3.83 -14.07
C ALA B 334 24.10 -3.21 -15.43
N ALA B 335 23.23 -2.33 -15.90
CA ALA B 335 23.55 -1.48 -17.06
C ALA B 335 24.77 -0.61 -16.75
N ARG B 336 25.57 -0.32 -17.76
CA ARG B 336 26.70 0.58 -17.57
C ARG B 336 26.20 2.02 -17.62
N VAL B 337 25.57 2.48 -16.56
CA VAL B 337 25.04 3.86 -16.48
C VAL B 337 25.17 4.49 -15.10
N GLY B 338 25.51 5.78 -15.07
CA GLY B 338 25.54 6.57 -13.85
C GLY B 338 26.54 6.06 -12.83
N GLY B 339 26.02 5.57 -11.70
CA GLY B 339 26.87 5.12 -10.60
C GLY B 339 27.02 3.61 -10.51
N LEU B 340 26.31 2.90 -11.37
CA LEU B 340 26.31 1.43 -11.34
C LEU B 340 27.72 0.83 -11.45
N PRO B 341 28.60 1.39 -12.32
CA PRO B 341 29.99 0.92 -12.35
C PRO B 341 30.76 1.09 -11.04
N ILE B 342 30.31 2.01 -10.18
CA ILE B 342 30.91 2.18 -8.85
C ILE B 342 30.25 1.25 -7.83
N ALA B 343 28.93 1.10 -7.97
CA ALA B 343 28.15 0.22 -7.08
C ALA B 343 28.48 -1.25 -7.29
N VAL B 344 28.77 -1.62 -8.52
CA VAL B 344 29.17 -2.99 -8.84
C VAL B 344 30.64 -3.00 -9.25
N ALA B 345 31.43 -3.94 -8.72
CA ALA B 345 32.81 -4.11 -9.23
C ALA B 345 32.83 -5.11 -10.39
N GLU B 346 32.87 -4.56 -11.60
CA GLU B 346 32.75 -5.33 -12.83
C GLU B 346 33.69 -6.52 -12.84
N GLY B 347 33.15 -7.71 -13.07
CA GLY B 347 33.97 -8.92 -13.20
C GLY B 347 34.27 -9.58 -11.88
N GLU B 348 34.02 -8.85 -10.79
CA GLU B 348 34.33 -9.29 -9.43
C GLU B 348 33.05 -9.58 -8.60
N THR B 349 32.11 -8.64 -8.60
CA THR B 349 30.88 -8.80 -7.82
C THR B 349 29.64 -8.80 -8.71
N GLY B 350 29.85 -8.89 -10.02
CA GLY B 350 28.77 -8.84 -10.99
C GLY B 350 29.25 -8.47 -12.38
N LEU B 351 28.31 -8.31 -13.30
CA LEU B 351 28.58 -7.96 -14.69
C LEU B 351 28.01 -6.59 -15.03
N LEU B 352 28.63 -5.93 -16.00
CA LEU B 352 28.09 -4.68 -16.51
C LEU B 352 27.76 -4.84 -17.99
N VAL B 353 26.54 -4.47 -18.37
CA VAL B 353 26.09 -4.66 -19.73
C VAL B 353 26.15 -3.32 -20.48
N ASP B 354 26.57 -3.35 -21.74
CA ASP B 354 26.59 -2.16 -22.58
C ASP B 354 25.26 -2.06 -23.30
N GLY B 355 24.50 -1.01 -23.01
CA GLY B 355 23.20 -0.83 -23.63
C GLY B 355 22.13 -1.72 -23.05
N HIS B 356 21.04 -1.88 -23.80
CA HIS B 356 19.81 -2.48 -23.28
C HIS B 356 19.11 -3.40 -24.28
N SER B 357 19.90 -4.00 -25.17
CA SER B 357 19.39 -5.03 -26.06
C SER B 357 19.05 -6.26 -25.23
N PRO B 358 17.90 -6.89 -25.53
CA PRO B 358 17.51 -8.17 -24.94
C PRO B 358 18.55 -9.26 -25.18
N HIS B 359 19.12 -9.28 -26.40
CA HIS B 359 20.15 -10.25 -26.74
C HIS B 359 21.36 -10.16 -25.79
N ALA B 360 21.84 -8.95 -25.54
CA ALA B 360 23.00 -8.72 -24.66
C ALA B 360 22.69 -9.06 -23.21
N TRP B 361 21.45 -8.78 -22.80
CA TRP B 361 21.04 -9.05 -21.43
C TRP B 361 20.83 -10.54 -21.16
N ALA B 362 20.22 -11.25 -22.09
CA ALA B 362 20.12 -12.72 -22.02
C ALA B 362 21.50 -13.36 -21.94
N ASP B 363 22.42 -12.89 -22.80
CA ASP B 363 23.80 -13.36 -22.81
C ASP B 363 24.41 -13.22 -21.42
N ALA B 364 24.34 -12.01 -20.86
CA ALA B 364 24.90 -11.76 -19.55
C ALA B 364 24.25 -12.65 -18.49
N LEU B 365 22.91 -12.72 -18.49
CA LEU B 365 22.18 -13.57 -17.54
C LEU B 365 22.57 -15.05 -17.67
N ALA B 366 22.61 -15.56 -18.89
CA ALA B 366 23.02 -16.95 -19.12
C ALA B 366 24.42 -17.25 -18.61
N THR B 367 25.37 -16.30 -18.75
CA THR B 367 26.73 -16.61 -18.31
C THR B 367 26.87 -16.64 -16.80
N LEU B 368 25.96 -15.99 -16.08
CA LEU B 368 26.00 -16.12 -14.63
C LEU B 368 25.12 -17.26 -14.12
N LEU B 369 24.04 -17.54 -14.85
CA LEU B 369 23.16 -18.64 -14.47
C LEU B 369 23.82 -20.02 -14.70
N ASP B 370 24.52 -20.17 -15.81
CA ASP B 370 25.13 -21.45 -16.18
C ASP B 370 26.54 -21.69 -15.62
N ASP B 371 27.05 -20.72 -14.88
CA ASP B 371 28.40 -20.77 -14.31
C ASP B 371 28.33 -20.64 -12.79
N ASP B 372 27.94 -21.73 -12.14
CA ASP B 372 27.76 -21.75 -10.69
C ASP B 372 29.00 -21.33 -9.91
N GLU B 373 30.16 -21.83 -10.32
CA GLU B 373 31.43 -21.55 -9.63
C GLU B 373 31.66 -20.03 -9.51
N THR B 374 31.47 -19.32 -10.62
CA THR B 374 31.69 -17.88 -10.70
C THR B 374 30.62 -17.06 -9.95
N ARG B 375 29.35 -17.34 -10.22
CA ARG B 375 28.24 -16.60 -9.62
C ARG B 375 28.37 -16.62 -8.10
N ILE B 376 28.62 -17.81 -7.57
CA ILE B 376 28.76 -18.03 -6.12
C ILE B 376 29.92 -17.24 -5.53
N ARG B 377 31.04 -17.22 -6.24
CA ARG B 377 32.20 -16.44 -5.82
C ARG B 377 31.89 -14.93 -5.83
N MET B 378 31.26 -14.45 -6.91
CA MET B 378 30.80 -13.06 -6.98
C MET B 378 29.93 -12.65 -5.79
N GLY B 379 29.00 -13.53 -5.40
CA GLY B 379 28.11 -13.28 -4.27
C GLY B 379 28.89 -13.09 -2.97
N GLU B 380 29.95 -13.89 -2.83
CA GLU B 380 30.78 -13.85 -1.65
C GLU B 380 31.58 -12.56 -1.64
N ASP B 381 32.07 -12.16 -2.80
CA ASP B 381 32.87 -10.96 -2.91
C ASP B 381 32.02 -9.70 -2.87
N ALA B 382 30.76 -9.83 -3.30
CA ALA B 382 29.77 -8.76 -3.19
C ALA B 382 29.72 -8.22 -1.77
N VAL B 383 29.68 -9.13 -0.79
CA VAL B 383 29.56 -8.76 0.62
C VAL B 383 30.72 -7.91 1.10
N GLU B 384 31.95 -8.36 0.85
CA GLU B 384 33.13 -7.57 1.22
C GLU B 384 33.19 -6.22 0.47
N HIS B 385 32.86 -6.24 -0.81
CA HIS B 385 32.85 -5.02 -1.58
C HIS B 385 31.86 -3.99 -1.01
N ALA B 386 30.68 -4.44 -0.61
CA ALA B 386 29.66 -3.57 -0.05
C ALA B 386 29.93 -3.11 1.38
N ARG B 387 30.73 -3.90 2.10
CA ARG B 387 31.05 -3.65 3.52
C ARG B 387 31.30 -2.17 3.80
N THR B 388 32.01 -1.55 2.88
CA THR B 388 32.55 -0.23 3.07
C THR B 388 31.51 0.87 2.83
N PHE B 389 30.47 0.55 2.07
CA PHE B 389 29.53 1.53 1.61
C PHE B 389 28.33 1.55 2.55
N SER B 390 28.51 2.12 3.74
CA SER B 390 27.44 2.17 4.74
C SER B 390 26.92 3.59 4.98
N TRP B 391 25.62 3.69 5.32
CA TRP B 391 24.98 4.97 5.63
C TRP B 391 25.66 5.74 6.76
N ALA B 392 26.12 5.04 7.77
CA ALA B 392 26.92 5.64 8.85
C ALA B 392 28.06 6.49 8.29
N ALA B 393 28.77 5.92 7.31
CA ALA B 393 29.90 6.59 6.67
C ALA B 393 29.42 7.79 5.84
N THR B 394 28.33 7.58 5.09
CA THR B 394 27.71 8.70 4.40
C THR B 394 27.42 9.86 5.39
N ALA B 395 26.78 9.53 6.52
CA ALA B 395 26.38 10.52 7.51
C ALA B 395 27.59 11.26 8.04
N ALA B 396 28.60 10.49 8.44
CA ALA B 396 29.91 11.02 8.87
C ALA B 396 30.48 12.03 7.87
N GLN B 397 30.47 11.68 6.58
CA GLN B 397 30.88 12.63 5.53
C GLN B 397 30.05 13.92 5.57
N LEU B 398 28.73 13.78 5.66
CA LEU B 398 27.83 14.94 5.72
C LEU B 398 28.04 15.80 6.95
N SER B 399 28.16 15.15 8.11
CA SER B 399 28.46 15.83 9.35
C SER B 399 29.67 16.79 9.20
N SER B 400 30.77 16.31 8.64
CA SER B 400 31.95 17.14 8.33
C SER B 400 31.56 18.28 7.43
N LEU B 401 30.82 17.94 6.38
CA LEU B 401 30.39 18.89 5.38
C LEU B 401 29.56 20.02 6.02
N TYR B 402 28.62 19.67 6.89
CA TYR B 402 27.78 20.67 7.55
C TYR B 402 28.63 21.62 8.39
N ASN B 403 29.42 21.03 9.30
CA ASN B 403 30.38 21.79 10.11
C ASN B 403 31.24 22.78 9.33
N ASP B 404 31.80 22.36 8.19
CA ASP B 404 32.60 23.29 7.36
C ASP B 404 31.73 24.42 6.82
N ALA B 405 30.61 24.05 6.19
CA ALA B 405 29.68 25.03 5.65
C ALA B 405 29.27 26.07 6.69
N ILE B 406 29.08 25.64 7.94
CA ILE B 406 28.69 26.53 9.05
C ILE B 406 29.84 27.46 9.40
N ALA B 407 31.03 26.88 9.58
CA ALA B 407 32.20 27.63 10.03
C ALA B 407 32.70 28.63 9.00
N ASN B 408 32.61 28.28 7.72
CA ASN B 408 33.14 29.12 6.65
C ASN B 408 32.03 29.96 6.03
N GLU B 409 31.41 30.80 6.86
CA GLU B 409 30.20 31.53 6.48
C GLU B 409 30.46 33.04 6.25
#